data_8I4V
#
_entry.id   8I4V
#
loop_
_entity.id
_entity.type
_entity.pdbx_description
1 polymer 'Structural maintenance of chromosomes protein 5'
2 polymer 'Structural maintenance of chromosomes protein 6'
3 polymer 'E3 SUMO-protein ligase MMS21'
4 polymer 'DNA repair protein KRE29'
#
loop_
_entity_poly.entity_id
_entity_poly.type
_entity_poly.pdbx_seq_one_letter_code
_entity_poly.pdbx_strand_id
1 'polypeptide(L)'
;KRVKIAKPDLSSFQPGSIIKIRLQDFVTYTLTEFNLSPSLNMIIGPNGSGKSTFVCAVCLGLAGKPEYIGRSKKVEDFIK
NGQDVSKIEITLKNSPNVTDIEYIDARDETIKITRIITRSKRRSDYLINDYQVSESVVKTLVAQLNIQLDNLCQFLSQER
VEEFARLKSVKLLVETIRSIDASLLDVLDELRELQGNEQSLQKDLDFKKAKIVHLRQESDKLRKSVESLRDFQNKKGEIE
LHSQLLPYVKVKDHKEKLNIYKEEYERAKANLRAILKDKKPFANTKKTLENQVEELTEKCSLKTDEFLKAKEKINEIFEK
LNTIRDEVIKKKNQNEYYRGRTKKLQATIISTKEDFLRSQEILAQTHLPEKSVFEDIDIKRKEIINKEGEIRDLISEIDA
KANAINHEMRSIQRQAESKTKSLTTTDKIGILNQDQDLKEVRDAVLMVREHPEMKDKILEPPIMTVSAINAQFAAYLAQC
VDYNTSKALTVVDSDSYKLFANPILDKFKVNLRELSSADTTPPVPAETVRDLGFEGYLSDFITGDKRVMKMLCQTSKIHT
IPVSRRELTPAQIKKLITPRPNGKILFKRIIHGNRLVDIKQSAYGSKQVFPTDVSIKQTNFYQGSIMSNEQKIRIENEII
NLKNEYNDRKSTLDALSNQKSGYRHELSELASKNDDINREAHQLNEIRKKYTMRKSTIETLREKLDQLKREARKDVSQKI
KDIDDQIQQLLLKQRHLLSKMASSMKSLKNCQKELISTQILQFEAQNMDVSMNDVIGFFNEREADLKSQYEDKKKFVKEA
RDTPEFQSWMREIRSYDQDTKEKLNKVAEKYEEEGNFNLSFVQDVLDKLESEIAMVNHDESAVTILDQVTAELRELEHTV
PQQSKDLETIKAKLKEDHAVLEPKLDDIVSKISARFARLFNNVGSAGAVRLEKPKDYAEWKIEIMVKFRDNAPLKKLDSH
TQSGGERAVSTVLYMIALQEFTSAPFRVVDEINQGMDSRNERIVHKAMVENACAENTSQYFLITPKLLTGLHYHEKMRIH
CVMAGSWIPNPSEDPKMIHFGETSNYSFD
;
A
2 'polypeptide(L)'
;MISTTISGKRPIEQVDDELLSLTAQQENEEQQQQRKRRRHQFAPMTQFNSNTLDEDSGFRSSSDVATADQDNFLEESPSG
YIKKVILRNFMCHEHFELELGSRLNFIVGNNGSGKSAILTAITIGLGAKASETNRGSSLKDLIREGCYSAKIILHLDNSK
YGAYQQGIFGNEIIVERIIKRDGPASFSLRSENGKEISNKKKDIQTVVDYFSVPVSNPMCFLSQDAARSFLTASTSQDKY
SHFMKGTLLQEITENLLYASAIHDSAQENMALHLENLKSLKAEYEDAKKLLRELNQTSDLNERKMLLQAKSLWIDVAHNT
DACKNLENEISGIQQKVDEVTEKIRNRQEKIERYTSDGTTIEAQIDAKVIYVNEKDSEHQNARELLRDVKSRFEKEKSNQ
AEAQSNIDQGRKKVDALNKTIAHLEEELTKEMGGDKDQMRQELEQLEKANEKLREVNNSLVVSLQDVKNEERDIQHERES
ELRTISRSIQNKKVELQNIAKGNDTFLMNFDRNMDRLLRTIEQRKNEFETPAIGPLGSLVTIRKGFEKWTRSIQRAISSS
LNAFVVSNPKDNRLFRDIMRSCGIRSNIPIVTYCLSQFDYSKGRAHGNYPTIVDALEFSKPEIECLFVDLSRIERIVLIE
DKNEARNFLQRNPVNVNMALSLRDRRSGFQLSGGYRLDTVTYQDKIRLKVNSSSDNGTQYLKDLIEQETKELQNIRDRYE
EKLSEVRSRLKEIDGRLKSTKNEMRKTNFRMTELKMNVGKVVDTGILNSKINERKNQEQAIASYEAAKEELGLKIEQIAQ
EAQPIKEQYDSTKLALVEAQDELQQLKEDINSRQSKIQKYKDDTIYYEDKKKVYLENIKKIEVNVAALKEGIQRQIQNAC
AFCSKERIENVDLPDTQEEIKRELDKVSRMIQKAEKSLGLSQEEVIALFEKCRNKYKEGQKKYMEIDEALNRLHNSLKAR
DQNYKNAEKGTCFDADMDFRASLKVRKFSGNLSFIKDTKSLEIYILTTNDEKARNVDTLSGGEKSFSQMALLLATWKPMR
SRIIALDEFDVFMDQVNRKIGTTLIVKKLKDIARTQTIIITPQDIGKIADIDSSGVSIHRMRDPERQNNSNFYN
;
B
3 'polypeptide(L)'
;NDNPIPKSVPLHPKSGKYFHNLHARDLSNIYQQCYKQIDETINQLVDSTSPSTIGIEEQVADITSTYKLLSTYESESNSF
DEHIKDLKKNFKQSSDACPQIDLSTWDKYRTGELTAPKLSELYLNMPTPEPATMVNNTDTLKILKVLPYIWNDPTCVIPD
LQNPADEDDLQIEGGKIELTCPITCKPYEAPLISRKCNHVFDRDGIQNYLQGYTTRDCPQAACSQVVSMRDFVRDPIMEL
RCKIAKMKESQ
;
C
4 'polypeptide(L)' PILKRTIISKRKAPSNNEDEEIVKTPRKLVNYVPLKIFNLGDSFDDTITTTVAKLQDLKKEILD D
#
# COMPACT_ATOMS: atom_id res chain seq x y z
N LYS A 208 86.37 -47.19 34.07
CA LYS A 208 86.50 -46.20 32.97
C LYS A 208 85.77 -46.73 31.73
N LYS A 209 85.87 -48.04 31.47
CA LYS A 209 85.15 -48.65 30.31
C LYS A 209 83.64 -48.52 30.53
N ALA A 210 83.17 -48.74 31.77
CA ALA A 210 81.73 -48.54 32.07
C ALA A 210 81.36 -47.08 31.82
N LYS A 211 82.23 -46.16 32.23
CA LYS A 211 81.98 -44.72 31.99
C LYS A 211 81.97 -44.46 30.47
N ILE A 212 82.87 -45.09 29.72
CA ILE A 212 82.90 -44.95 28.24
C ILE A 212 81.59 -45.51 27.66
N VAL A 213 81.11 -46.62 28.21
CA VAL A 213 79.81 -47.19 27.74
C VAL A 213 78.69 -46.18 28.03
N HIS A 214 78.71 -45.54 29.20
CA HIS A 214 77.70 -44.50 29.51
C HIS A 214 77.86 -43.32 28.54
N LEU A 215 79.10 -42.94 28.25
CA LEU A 215 79.36 -41.84 27.28
C LEU A 215 78.85 -42.25 25.90
N ARG A 216 79.04 -43.52 25.51
CA ARG A 216 78.52 -44.01 24.21
C ARG A 216 76.99 -43.95 24.22
N GLN A 217 76.37 -44.31 25.35
CA GLN A 217 74.90 -44.23 25.45
C GLN A 217 74.45 -42.77 25.31
N GLU A 218 75.16 -41.85 25.97
CA GLU A 218 74.74 -40.41 25.96
C GLU A 218 75.23 -39.71 24.68
N SER A 219 76.13 -40.32 23.91
CA SER A 219 76.58 -39.71 22.63
C SER A 219 75.38 -39.63 21.68
N ASP A 220 74.52 -40.66 21.71
CA ASP A 220 73.28 -40.62 20.88
C ASP A 220 72.41 -39.45 21.33
N LYS A 221 72.29 -39.23 22.65
CA LYS A 221 71.52 -38.09 23.17
C LYS A 221 72.18 -36.77 22.75
N LEU A 222 73.52 -36.72 22.78
CA LEU A 222 74.23 -35.49 22.35
C LEU A 222 73.98 -35.27 20.86
N ARG A 223 74.05 -36.32 20.05
CA ARG A 223 73.78 -36.18 18.60
C ARG A 223 72.32 -35.74 18.40
N LYS A 224 71.40 -36.29 19.19
CA LYS A 224 69.98 -35.88 19.10
C LYS A 224 69.86 -34.40 19.48
N SER A 225 70.55 -33.97 20.54
CA SER A 225 70.52 -32.53 20.92
C SER A 225 71.15 -31.68 19.81
N VAL A 226 72.25 -32.15 19.21
CA VAL A 226 72.93 -31.38 18.13
C VAL A 226 71.99 -31.28 16.92
N GLU A 227 71.36 -32.39 16.52
CA GLU A 227 70.42 -32.35 15.38
C GLU A 227 69.21 -31.49 15.75
N SER A 228 68.77 -31.54 17.02
CA SER A 228 67.64 -30.69 17.46
C SER A 228 68.05 -29.22 17.39
N LEU A 229 69.29 -28.90 17.80
CA LEU A 229 69.76 -27.50 17.68
C LEU A 229 69.86 -27.12 16.20
N ARG A 230 70.32 -28.03 15.36
CA ARG A 230 70.43 -27.73 13.91
C ARG A 230 69.01 -27.50 13.38
N ASP A 231 68.06 -28.34 13.80
CA ASP A 231 66.66 -28.17 13.36
C ASP A 231 66.12 -26.84 13.93
N PHE A 232 66.54 -26.47 15.14
CA PHE A 232 66.12 -25.17 15.71
C PHE A 232 66.71 -24.04 14.85
N GLN A 233 67.96 -24.18 14.43
CA GLN A 233 68.56 -23.16 13.52
C GLN A 233 67.79 -23.15 12.20
N ASN A 234 67.41 -24.33 11.68
CA ASN A 234 66.60 -24.39 10.44
C ASN A 234 65.23 -23.74 10.69
N LYS A 235 64.64 -24.00 11.85
CA LYS A 235 63.33 -23.38 12.20
C LYS A 235 63.51 -21.85 12.29
N LYS A 236 64.61 -21.40 12.92
CA LYS A 236 64.89 -19.95 13.02
C LYS A 236 65.07 -19.40 11.60
N GLY A 237 65.76 -20.15 10.74
CA GLY A 237 65.93 -19.73 9.34
C GLY A 237 64.58 -19.67 8.62
N GLU A 238 63.71 -20.65 8.85
CA GLU A 238 62.36 -20.63 8.24
C GLU A 238 61.57 -19.44 8.78
N ILE A 239 61.68 -19.17 10.08
CA ILE A 239 61.00 -17.98 10.68
C ILE A 239 61.59 -16.71 10.06
N GLU A 240 62.92 -16.66 9.90
CA GLU A 240 63.60 -15.48 9.30
C GLU A 240 63.14 -15.35 7.84
N LEU A 241 62.83 -16.46 7.19
CA LEU A 241 62.45 -16.38 5.75
C LEU A 241 61.21 -15.48 5.63
N HIS A 242 60.28 -15.60 6.57
CA HIS A 242 59.10 -14.69 6.55
C HIS A 242 59.33 -13.43 7.42
N SER A 243 60.15 -13.51 8.46
CA SER A 243 60.40 -12.32 9.35
C SER A 243 61.36 -11.29 8.71
N GLN A 244 62.47 -11.72 8.11
CA GLN A 244 63.45 -10.78 7.51
C GLN A 244 62.77 -10.07 6.35
N LEU A 245 62.03 -10.81 5.52
CA LEU A 245 61.24 -10.19 4.42
C LEU A 245 59.87 -9.78 4.97
N LEU A 246 59.04 -9.17 4.14
CA LEU A 246 57.67 -8.81 4.57
C LEU A 246 56.89 -10.09 4.89
N PRO A 247 56.09 -10.13 5.96
CA PRO A 247 55.38 -11.35 6.33
C PRO A 247 54.45 -11.76 5.19
N TYR A 248 54.63 -12.98 4.67
CA TYR A 248 53.84 -13.42 3.48
C TYR A 248 52.37 -13.53 3.83
N VAL A 249 52.06 -14.13 4.98
CA VAL A 249 50.61 -14.33 5.31
C VAL A 249 49.99 -12.95 5.46
N LYS A 250 50.66 -12.07 6.20
CA LYS A 250 50.07 -10.73 6.45
C LYS A 250 50.01 -9.97 5.14
N VAL A 251 51.07 -10.01 4.32
CA VAL A 251 51.02 -9.18 3.07
C VAL A 251 49.90 -9.72 2.18
N LYS A 252 49.76 -11.05 2.08
CA LYS A 252 48.72 -11.63 1.20
C LYS A 252 47.34 -11.25 1.75
N ASP A 253 47.15 -11.35 3.06
CA ASP A 253 45.86 -11.00 3.68
C ASP A 253 45.58 -9.53 3.45
N HIS A 254 46.60 -8.68 3.63
CA HIS A 254 46.42 -7.22 3.45
C HIS A 254 46.09 -6.91 1.99
N LYS A 255 46.78 -7.57 1.06
CA LYS A 255 46.51 -7.33 -0.38
C LYS A 255 45.08 -7.78 -0.70
N GLU A 256 44.69 -8.95 -0.20
CA GLU A 256 43.33 -9.47 -0.51
C GLU A 256 42.28 -8.53 0.08
N LYS A 257 42.47 -8.12 1.33
CA LYS A 257 41.48 -7.22 2.00
C LYS A 257 41.48 -5.87 1.28
N LEU A 258 42.65 -5.37 0.88
CA LEU A 258 42.70 -4.07 0.15
C LEU A 258 41.96 -4.23 -1.18
N ASN A 259 42.17 -5.35 -1.87
CA ASN A 259 41.50 -5.55 -3.19
C ASN A 259 39.99 -5.59 -2.98
N ILE A 260 39.53 -6.37 -2.01
CA ILE A 260 38.06 -6.51 -1.79
C ILE A 260 37.49 -5.15 -1.35
N TYR A 261 38.21 -4.43 -0.49
CA TYR A 261 37.73 -3.11 -0.03
C TYR A 261 37.69 -2.15 -1.21
N LYS A 262 38.72 -2.18 -2.06
CA LYS A 262 38.76 -1.27 -3.24
C LYS A 262 37.62 -1.60 -4.21
N GLU A 263 37.38 -2.89 -4.47
CA GLU A 263 36.27 -3.25 -5.41
C GLU A 263 34.92 -2.84 -4.78
N GLU A 264 34.76 -3.05 -3.48
CA GLU A 264 33.50 -2.64 -2.79
C GLU A 264 33.37 -1.12 -2.87
N TYR A 265 34.48 -0.40 -2.66
CA TYR A 265 34.45 1.07 -2.76
C TYR A 265 34.09 1.48 -4.20
N GLU A 266 34.67 0.80 -5.18
CA GLU A 266 34.41 1.15 -6.60
C GLU A 266 32.94 0.90 -6.94
N ARG A 267 32.39 -0.25 -6.54
CA ARG A 267 30.98 -0.55 -6.86
C ARG A 267 30.09 0.46 -6.11
N ALA A 268 30.43 0.76 -4.85
CA ALA A 268 29.60 1.70 -4.05
C ALA A 268 29.64 3.08 -4.70
N LYS A 269 30.82 3.55 -5.10
CA LYS A 269 30.93 4.90 -5.73
C LYS A 269 30.23 4.91 -7.09
N ALA A 270 30.34 3.81 -7.86
CA ALA A 270 29.65 3.74 -9.16
C ALA A 270 28.15 3.80 -8.92
N ASN A 271 27.65 3.05 -7.93
CA ASN A 271 26.20 3.05 -7.61
C ASN A 271 25.81 4.45 -7.14
N LEU A 272 26.64 5.08 -6.31
CA LEU A 272 26.32 6.43 -5.78
C LEU A 272 26.29 7.44 -6.94
N ARG A 273 27.25 7.36 -7.86
CA ARG A 273 27.24 8.28 -9.02
C ARG A 273 25.99 8.00 -9.85
N ALA A 274 25.65 6.73 -10.06
CA ALA A 274 24.47 6.40 -10.90
C ALA A 274 23.22 6.97 -10.26
N ILE A 275 23.07 6.76 -8.94
CA ILE A 275 21.84 7.23 -8.24
C ILE A 275 21.82 8.78 -8.23
N LEU A 276 22.98 9.41 -8.04
CA LEU A 276 23.05 10.90 -8.05
C LEU A 276 22.68 11.42 -9.44
N LYS A 277 23.17 10.77 -10.51
CA LYS A 277 22.80 11.20 -11.89
C LYS A 277 21.31 10.96 -12.11
N ASP A 278 20.79 9.84 -11.63
CA ASP A 278 19.35 9.49 -11.82
C ASP A 278 18.45 10.37 -10.97
N LYS A 279 18.95 10.96 -9.87
CA LYS A 279 18.08 11.75 -8.97
C LYS A 279 17.51 12.97 -9.68
N LYS A 280 18.31 13.65 -10.50
CA LYS A 280 17.85 14.92 -11.14
C LYS A 280 16.59 14.71 -11.99
N PRO A 281 16.46 13.68 -12.86
CA PRO A 281 15.22 13.44 -13.59
C PRO A 281 14.02 13.30 -12.64
N PHE A 282 14.20 12.69 -11.47
CA PHE A 282 13.09 12.64 -10.49
C PHE A 282 12.68 14.05 -10.05
N ALA A 283 13.65 14.93 -9.81
CA ALA A 283 13.31 16.33 -9.47
C ALA A 283 12.58 16.98 -10.65
N ASN A 284 13.04 16.71 -11.87
CA ASN A 284 12.38 17.27 -13.08
C ASN A 284 10.96 16.73 -13.18
N THR A 285 10.77 15.43 -12.92
CA THR A 285 9.42 14.83 -12.97
C THR A 285 8.55 15.44 -11.86
N LYS A 286 9.12 15.69 -10.68
CA LYS A 286 8.34 16.34 -9.61
C LYS A 286 7.93 17.74 -10.06
N LYS A 287 8.83 18.47 -10.71
CA LYS A 287 8.48 19.83 -11.22
C LYS A 287 7.38 19.69 -12.28
N THR A 288 7.50 18.72 -13.19
CA THR A 288 6.43 18.52 -14.21
C THR A 288 5.11 18.14 -13.54
N LEU A 289 5.16 17.30 -12.51
CA LEU A 289 3.93 16.90 -11.78
C LEU A 289 3.33 18.10 -11.04
N GLU A 290 4.16 18.98 -10.47
CA GLU A 290 3.63 20.21 -9.83
C GLU A 290 3.00 21.11 -10.91
N ASN A 291 3.60 21.16 -12.11
CA ASN A 291 2.98 21.92 -13.22
C ASN A 291 1.65 21.25 -13.57
N GLN A 292 1.61 19.91 -13.57
CA GLN A 292 0.35 19.18 -13.83
C GLN A 292 -0.65 19.46 -12.71
N VAL A 293 -0.19 19.63 -11.47
CA VAL A 293 -1.10 20.01 -10.35
C VAL A 293 -1.65 21.42 -10.58
N GLU A 294 -0.82 22.36 -11.06
CA GLU A 294 -1.32 23.70 -11.39
C GLU A 294 -2.32 23.52 -12.54
N GLU A 295 -2.03 22.64 -13.50
CA GLU A 295 -3.02 22.36 -14.59
C GLU A 295 -4.29 21.75 -14.01
N LEU A 296 -4.14 20.82 -13.05
CA LEU A 296 -5.33 20.23 -12.37
C LEU A 296 -6.11 21.36 -11.67
N THR A 297 -5.42 22.28 -10.99
CA THR A 297 -6.11 23.39 -10.28
C THR A 297 -6.87 24.22 -11.32
N GLU A 298 -6.24 24.55 -12.45
CA GLU A 298 -6.94 25.31 -13.52
C GLU A 298 -8.10 24.49 -14.05
N LYS A 299 -7.91 23.19 -14.26
CA LYS A 299 -9.00 22.32 -14.78
C LYS A 299 -10.14 22.24 -13.77
N CYS A 300 -9.82 22.04 -12.51
CA CYS A 300 -10.88 22.01 -11.47
C CYS A 300 -11.59 23.38 -11.45
N SER A 301 -10.83 24.47 -11.52
CA SER A 301 -11.44 25.82 -11.49
C SER A 301 -12.35 26.01 -12.70
N LEU A 302 -11.88 25.63 -13.89
CA LEU A 302 -12.71 25.83 -15.11
C LEU A 302 -13.93 24.90 -15.05
N LYS A 303 -13.78 23.67 -14.54
CA LYS A 303 -14.93 22.75 -14.40
C LYS A 303 -15.93 23.31 -13.41
N THR A 304 -15.45 23.84 -12.29
CA THR A 304 -16.37 24.48 -11.31
C THR A 304 -17.03 25.69 -11.98
N ASP A 305 -16.27 26.48 -12.74
CA ASP A 305 -16.84 27.66 -13.43
C ASP A 305 -17.92 27.20 -14.40
N GLU A 306 -17.63 26.15 -15.18
CA GLU A 306 -18.63 25.63 -16.16
C GLU A 306 -19.84 25.07 -15.41
N PHE A 307 -19.62 24.35 -14.32
CA PHE A 307 -20.76 23.79 -13.53
C PHE A 307 -21.59 24.96 -12.99
N LEU A 308 -20.93 25.99 -12.45
CA LEU A 308 -21.66 27.14 -11.89
C LEU A 308 -22.42 27.83 -13.02
N LYS A 309 -21.77 28.01 -14.18
CA LYS A 309 -22.42 28.70 -15.32
C LYS A 309 -23.62 27.87 -15.79
N ALA A 310 -23.45 26.55 -15.93
CA ALA A 310 -24.55 25.68 -16.39
C ALA A 310 -25.70 25.71 -15.38
N LYS A 311 -25.37 25.60 -14.10
CA LYS A 311 -26.42 25.61 -13.05
C LYS A 311 -27.10 26.98 -13.03
N GLU A 312 -26.31 28.06 -13.12
CA GLU A 312 -26.90 29.42 -13.12
C GLU A 312 -27.80 29.56 -14.35
N LYS A 313 -27.33 29.09 -15.51
CA LYS A 313 -28.13 29.22 -16.76
C LYS A 313 -29.42 28.40 -16.63
N ILE A 314 -29.34 27.16 -16.14
CA ILE A 314 -30.56 26.31 -16.03
C ILE A 314 -31.50 26.92 -14.98
N ASN A 315 -30.94 27.44 -13.88
CA ASN A 315 -31.78 28.11 -12.85
C ASN A 315 -32.39 29.37 -13.44
N GLU A 316 -31.63 30.14 -14.22
CA GLU A 316 -32.19 31.35 -14.87
C GLU A 316 -33.26 30.94 -15.87
N ILE A 317 -33.03 29.87 -16.62
CA ILE A 317 -34.05 29.38 -17.59
C ILE A 317 -35.30 28.96 -16.81
N PHE A 318 -35.12 28.23 -15.70
CA PHE A 318 -36.27 27.80 -14.88
C PHE A 318 -36.98 29.03 -14.32
N GLU A 319 -36.22 30.03 -13.85
CA GLU A 319 -36.82 31.28 -13.32
C GLU A 319 -37.54 32.03 -14.44
N LYS A 320 -36.94 32.07 -15.63
CA LYS A 320 -37.60 32.74 -16.79
C LYS A 320 -38.88 31.98 -17.12
N LEU A 321 -38.85 30.64 -17.06
CA LEU A 321 -40.07 29.85 -17.31
C LEU A 321 -41.10 30.15 -16.22
N ASN A 322 -40.64 30.28 -14.97
CA ASN A 322 -41.56 30.64 -13.86
C ASN A 322 -42.14 32.04 -14.11
N THR A 323 -41.31 33.00 -14.51
CA THR A 323 -41.80 34.38 -14.78
C THR A 323 -42.76 34.35 -15.96
N ILE A 324 -42.46 33.58 -16.99
CA ILE A 324 -43.38 33.45 -18.16
C ILE A 324 -44.70 32.84 -17.67
N ARG A 325 -44.62 31.81 -16.82
CA ARG A 325 -45.86 31.17 -16.29
C ARG A 325 -46.63 32.21 -15.48
N ASP A 326 -45.91 32.99 -14.66
CA ASP A 326 -46.58 34.04 -13.84
C ASP A 326 -47.23 35.07 -14.76
N GLU A 327 -46.52 35.48 -15.82
CA GLU A 327 -47.08 36.48 -16.77
C GLU A 327 -48.31 35.87 -17.46
N VAL A 328 -48.24 34.59 -17.83
CA VAL A 328 -49.40 33.92 -18.48
C VAL A 328 -50.56 33.84 -17.48
N ILE A 329 -50.27 33.52 -16.22
CA ILE A 329 -51.34 33.48 -15.16
C ILE A 329 -51.91 34.89 -14.99
N LYS A 330 -51.06 35.92 -14.98
CA LYS A 330 -51.54 37.31 -14.86
C LYS A 330 -52.41 37.65 -16.06
N LYS A 331 -51.99 37.25 -17.27
CA LYS A 331 -52.79 37.49 -18.49
C LYS A 331 -54.09 36.69 -18.39
N LYS A 332 -54.05 35.47 -17.83
CA LYS A 332 -55.29 34.68 -17.66
C LYS A 332 -56.20 35.40 -16.67
N ASN A 333 -55.65 35.97 -15.60
CA ASN A 333 -56.47 36.75 -14.65
C ASN A 333 -57.07 37.94 -15.38
N GLN A 334 -56.27 38.61 -16.20
CA GLN A 334 -56.80 39.75 -17.00
C GLN A 334 -57.88 39.23 -17.95
N ASN A 335 -57.64 38.08 -18.58
CA ASN A 335 -58.63 37.51 -19.53
C ASN A 335 -59.92 37.14 -18.80
N GLU A 336 -59.82 36.49 -17.64
CA GLU A 336 -61.03 36.09 -16.88
C GLU A 336 -61.75 37.35 -16.39
N TYR A 337 -61.01 38.39 -15.96
CA TYR A 337 -61.65 39.65 -15.53
C TYR A 337 -62.32 40.29 -16.76
N TYR A 338 -61.66 40.22 -17.91
CA TYR A 338 -62.29 40.76 -19.16
C TYR A 338 -63.53 39.93 -19.50
N ARG A 339 -63.49 38.61 -19.30
CA ARG A 339 -64.68 37.76 -19.54
C ARG A 339 -65.77 38.14 -18.55
N GLY A 340 -65.41 38.39 -17.29
CA GLY A 340 -66.40 38.82 -16.29
C GLY A 340 -67.00 40.15 -16.69
N ASP A 722 -56.76 41.35 -28.71
CA ASP A 722 -55.44 41.70 -28.14
C ASP A 722 -55.02 40.66 -27.10
N ILE A 723 -55.95 40.24 -26.24
CA ILE A 723 -55.65 39.23 -25.19
C ILE A 723 -55.27 37.92 -25.88
N ASP A 724 -56.01 37.53 -26.91
CA ASP A 724 -55.70 36.26 -27.64
C ASP A 724 -54.33 36.39 -28.31
N ASP A 725 -54.04 37.53 -28.92
CA ASP A 725 -52.73 37.73 -29.58
C ASP A 725 -51.62 37.66 -28.53
N GLN A 726 -51.84 38.29 -27.37
CA GLN A 726 -50.83 38.26 -26.29
C GLN A 726 -50.68 36.81 -25.78
N ILE A 727 -51.79 36.10 -25.63
CA ILE A 727 -51.73 34.68 -25.16
C ILE A 727 -50.97 33.86 -26.20
N GLN A 728 -51.26 34.04 -27.49
CA GLN A 728 -50.57 33.28 -28.55
C GLN A 728 -49.09 33.61 -28.50
N GLN A 729 -48.75 34.89 -28.34
CA GLN A 729 -47.32 35.32 -28.29
C GLN A 729 -46.67 34.67 -27.07
N LEU A 730 -47.36 34.66 -25.93
CA LEU A 730 -46.81 34.05 -24.69
C LEU A 730 -46.66 32.54 -24.88
N LEU A 731 -47.61 31.89 -25.55
CA LEU A 731 -47.50 30.43 -25.83
C LEU A 731 -46.30 30.18 -26.75
N LEU A 732 -46.13 31.03 -27.77
CA LEU A 732 -44.95 30.87 -28.66
C LEU A 732 -43.68 31.09 -27.84
N LYS A 733 -43.69 32.10 -26.96
CA LYS A 733 -42.49 32.38 -26.16
C LYS A 733 -42.21 31.20 -25.24
N GLN A 734 -43.26 30.65 -24.61
CA GLN A 734 -43.06 29.52 -23.66
C GLN A 734 -42.61 28.27 -24.43
N ARG A 735 -43.13 28.02 -25.64
CA ARG A 735 -42.66 26.87 -26.45
C ARG A 735 -41.21 27.12 -26.87
N HIS A 736 -40.85 28.37 -27.18
CA HIS A 736 -39.44 28.68 -27.53
C HIS A 736 -38.58 28.45 -26.29
N LEU A 737 -39.07 28.85 -25.11
CA LEU A 737 -38.32 28.61 -23.86
C LEU A 737 -38.22 27.11 -23.60
N LEU A 738 -39.27 26.35 -23.88
CA LEU A 738 -39.21 24.87 -23.72
C LEU A 738 -38.17 24.31 -24.69
N SER A 739 -38.12 24.83 -25.93
CA SER A 739 -37.09 24.38 -26.89
C SER A 739 -35.71 24.75 -26.36
N LYS A 740 -35.56 25.96 -25.81
CA LYS A 740 -34.25 26.42 -25.29
C LYS A 740 -33.84 25.55 -24.10
N MET A 741 -34.79 25.24 -23.21
CA MET A 741 -34.47 24.37 -22.04
C MET A 741 -34.18 22.94 -22.52
N ALA A 742 -34.85 22.47 -23.57
CA ALA A 742 -34.52 21.14 -24.13
C ALA A 742 -33.11 21.20 -24.71
N SER A 743 -32.74 22.30 -25.36
CA SER A 743 -31.37 22.46 -25.89
C SER A 743 -30.37 22.53 -24.73
N SER A 744 -30.72 23.23 -23.65
CA SER A 744 -29.85 23.26 -22.45
C SER A 744 -29.77 21.86 -21.87
N MET A 745 -30.83 21.06 -22.02
CA MET A 745 -30.75 19.65 -21.61
C MET A 745 -29.80 18.95 -22.58
N LYS A 746 -28.90 18.10 -22.04
CA LYS A 746 -27.87 17.37 -22.86
C LYS A 746 -26.69 18.32 -23.03
N SER A 747 -26.93 19.63 -23.01
CA SER A 747 -25.79 20.59 -22.95
C SER A 747 -25.28 20.50 -21.52
N LEU A 748 -26.20 20.39 -20.56
CA LEU A 748 -25.80 20.19 -19.14
C LEU A 748 -25.13 18.82 -19.04
N LYS A 749 -25.65 17.83 -19.77
CA LYS A 749 -25.01 16.48 -19.78
C LYS A 749 -23.62 16.57 -20.40
N ASN A 750 -23.46 17.32 -21.49
CA ASN A 750 -22.12 17.49 -22.11
C ASN A 750 -21.21 18.19 -21.11
N CYS A 751 -21.74 19.19 -20.39
CA CYS A 751 -20.93 19.89 -19.37
C CYS A 751 -20.57 18.90 -18.26
N GLN A 752 -21.50 18.04 -17.85
CA GLN A 752 -21.20 17.01 -16.80
C GLN A 752 -20.14 16.05 -17.34
N LYS A 753 -20.30 15.61 -18.59
CA LYS A 753 -19.34 14.63 -19.17
C LYS A 753 -17.95 15.28 -19.29
N GLU A 754 -17.90 16.53 -19.74
CA GLU A 754 -16.60 17.24 -19.84
C GLU A 754 -16.06 17.55 -18.43
N LEU A 755 -16.93 17.75 -17.44
CA LEU A 755 -16.45 17.93 -16.05
C LEU A 755 -15.84 16.62 -15.52
N ILE A 756 -16.54 15.49 -15.69
CA ILE A 756 -15.99 14.20 -15.18
C ILE A 756 -14.77 13.81 -16.02
N SER A 757 -14.86 13.97 -17.34
CA SER A 757 -13.70 13.68 -18.23
C SER A 757 -12.65 14.77 -18.05
N THR A 758 -11.37 14.43 -18.18
CA THR A 758 -10.26 15.42 -18.04
C THR A 758 -10.10 15.73 -16.54
N GLN A 759 -11.01 15.26 -15.71
CA GLN A 759 -10.85 15.41 -14.23
C GLN A 759 -10.25 14.10 -13.74
N ILE A 760 -10.65 12.99 -14.35
CA ILE A 760 -10.06 11.67 -13.99
C ILE A 760 -8.58 11.72 -14.38
N LEU A 761 -8.23 12.35 -15.49
CA LEU A 761 -6.80 12.49 -15.89
C LEU A 761 -6.05 13.32 -14.86
N GLN A 762 -6.65 14.43 -14.39
CA GLN A 762 -6.00 15.25 -13.34
C GLN A 762 -5.93 14.46 -12.03
N PHE A 763 -6.95 13.66 -11.74
CA PHE A 763 -6.92 12.79 -10.54
C PHE A 763 -5.76 11.80 -10.71
N GLU A 764 -5.58 11.26 -11.91
CA GLU A 764 -4.44 10.35 -12.17
C GLU A 764 -3.13 11.10 -11.96
N ALA A 765 -3.06 12.35 -12.43
CA ALA A 765 -1.84 13.18 -12.22
C ALA A 765 -1.63 13.41 -10.72
N GLN A 766 -2.71 13.64 -9.97
CA GLN A 766 -2.59 13.82 -8.51
C GLN A 766 -2.08 12.51 -7.89
N ASN A 767 -2.59 11.37 -8.36
CA ASN A 767 -2.11 10.06 -7.87
C ASN A 767 -0.63 9.90 -8.24
N MET A 768 -0.26 10.33 -9.44
CA MET A 768 1.15 10.24 -9.88
C MET A 768 2.00 11.09 -8.93
N ASP A 769 1.53 12.29 -8.58
CA ASP A 769 2.28 13.15 -7.62
C ASP A 769 2.33 12.47 -6.25
N VAL A 770 1.21 11.88 -5.81
CA VAL A 770 1.16 11.25 -4.47
C VAL A 770 2.16 10.09 -4.44
N SER A 771 2.15 9.27 -5.49
CA SER A 771 3.14 8.17 -5.58
C SER A 771 4.54 8.76 -5.69
N MET A 772 4.70 9.84 -6.47
CA MET A 772 6.05 10.42 -6.72
C MET A 772 6.68 10.91 -5.42
N ASN A 773 5.91 11.61 -4.57
CA ASN A 773 6.55 12.15 -3.34
C ASN A 773 7.01 10.98 -2.49
N ASP A 774 6.18 9.94 -2.37
CA ASP A 774 6.53 8.78 -1.53
C ASP A 774 7.76 8.08 -2.11
N VAL A 775 7.75 7.86 -3.43
CA VAL A 775 8.88 7.10 -4.05
C VAL A 775 10.16 7.95 -4.01
N ILE A 776 10.05 9.27 -4.22
CA ILE A 776 11.26 10.14 -4.14
C ILE A 776 11.77 10.16 -2.70
N GLY A 777 10.87 10.21 -1.70
CA GLY A 777 11.32 10.13 -0.30
C GLY A 777 12.00 8.81 -0.03
N PHE A 778 11.43 7.71 -0.55
CA PHE A 778 12.04 6.37 -0.37
C PHE A 778 13.40 6.33 -1.08
N PHE A 779 13.48 6.91 -2.27
CA PHE A 779 14.77 6.94 -3.01
C PHE A 779 15.78 7.81 -2.25
N ASN A 780 15.32 8.92 -1.68
CA ASN A 780 16.22 9.80 -0.91
C ASN A 780 16.75 9.06 0.32
N GLU A 781 15.88 8.36 1.05
CA GLU A 781 16.36 7.58 2.22
C GLU A 781 17.26 6.44 1.74
N ARG A 782 16.92 5.79 0.62
CA ARG A 782 17.74 4.67 0.10
C ARG A 782 19.12 5.20 -0.29
N GLU A 783 19.17 6.35 -0.99
CA GLU A 783 20.47 6.95 -1.40
C GLU A 783 21.23 7.43 -0.16
N ALA A 784 20.52 7.93 0.86
CA ALA A 784 21.20 8.34 2.11
C ALA A 784 21.82 7.10 2.76
N ASP A 785 21.11 5.98 2.77
CA ASP A 785 21.67 4.72 3.32
C ASP A 785 22.86 4.28 2.46
N LEU A 786 22.74 4.38 1.13
CA LEU A 786 23.85 3.99 0.24
C LEU A 786 25.05 4.91 0.49
N LYS A 787 24.81 6.20 0.67
CA LYS A 787 25.91 7.17 0.93
C LYS A 787 26.56 6.85 2.28
N SER A 788 25.74 6.51 3.29
CA SER A 788 26.29 6.13 4.61
C SER A 788 27.14 4.87 4.46
N GLN A 789 26.64 3.88 3.70
CA GLN A 789 27.42 2.64 3.46
C GLN A 789 28.70 2.99 2.71
N TYR A 790 28.63 3.89 1.73
CA TYR A 790 29.82 4.30 0.95
C TYR A 790 30.83 4.96 1.88
N GLU A 791 30.36 5.82 2.79
CA GLU A 791 31.28 6.47 3.77
C GLU A 791 31.88 5.40 4.67
N ASP A 792 31.09 4.42 5.10
CA ASP A 792 31.61 3.32 5.95
C ASP A 792 32.67 2.54 5.17
N LYS A 793 32.41 2.27 3.89
CA LYS A 793 33.38 1.53 3.05
C LYS A 793 34.66 2.37 2.90
N LYS A 794 34.52 3.68 2.71
CA LYS A 794 35.71 4.56 2.61
C LYS A 794 36.48 4.51 3.92
N LYS A 795 35.78 4.52 5.06
CA LYS A 795 36.45 4.44 6.37
C LYS A 795 37.18 3.10 6.47
N PHE A 796 36.54 2.02 6.01
CA PHE A 796 37.18 0.68 6.06
C PHE A 796 38.43 0.68 5.16
N VAL A 797 38.33 1.30 3.98
CA VAL A 797 39.49 1.36 3.05
C VAL A 797 40.61 2.17 3.69
N LYS A 798 40.27 3.31 4.32
CA LYS A 798 41.30 4.15 4.98
C LYS A 798 41.93 3.37 6.13
N GLU A 799 41.13 2.62 6.89
CA GLU A 799 41.65 1.80 8.01
C GLU A 799 42.53 0.67 7.46
N ALA A 800 42.23 0.16 6.26
CA ALA A 800 43.01 -0.94 5.69
C ALA A 800 44.46 -0.48 5.49
N ARG A 801 44.65 0.78 5.06
CA ARG A 801 46.02 1.33 4.91
C ARG A 801 46.48 2.08 6.17
N ASP A 802 47.79 2.40 6.24
CA ASP A 802 48.36 3.14 7.42
C ASP A 802 48.14 2.32 8.68
N THR A 803 48.22 1.00 8.57
CA THR A 803 48.05 0.11 9.75
C THR A 803 49.36 0.01 10.53
N PRO A 804 49.34 -0.41 11.82
CA PRO A 804 50.59 -0.67 12.55
C PRO A 804 51.40 -1.74 11.80
N GLU A 805 50.73 -2.68 11.15
CA GLU A 805 51.46 -3.68 10.32
C GLU A 805 52.19 -2.96 9.19
N PHE A 806 51.55 -1.94 8.58
CA PHE A 806 52.24 -1.14 7.52
C PHE A 806 53.41 -0.37 8.15
N GLN A 807 53.26 0.10 9.38
CA GLN A 807 54.38 0.77 10.09
C GLN A 807 55.51 -0.25 10.28
N SER A 808 55.16 -1.50 10.58
CA SER A 808 56.18 -2.57 10.67
C SER A 808 56.84 -2.74 9.30
N TRP A 809 56.07 -2.57 8.22
CA TRP A 809 56.63 -2.68 6.85
C TRP A 809 57.58 -1.52 6.56
N MET A 810 58.50 -1.72 5.61
CA MET A 810 59.52 -0.69 5.23
C MET A 810 60.61 -0.70 6.30
N ARG A 811 60.42 -1.46 7.39
CA ARG A 811 61.49 -1.65 8.39
C ARG A 811 61.99 -3.09 8.17
N GLU A 812 61.06 -4.01 7.86
CA GLU A 812 61.47 -5.39 7.50
C GLU A 812 62.24 -5.30 6.18
N ILE A 813 61.85 -4.38 5.30
CA ILE A 813 62.59 -4.19 4.03
C ILE A 813 64.02 -3.76 4.36
N ARG A 814 64.20 -2.84 5.32
CA ARG A 814 65.56 -2.42 5.73
C ARG A 814 66.31 -3.63 6.33
N SER A 815 65.62 -4.43 7.14
CA SER A 815 66.26 -5.60 7.78
C SER A 815 66.73 -6.58 6.69
N TYR A 816 65.89 -6.82 5.68
CA TYR A 816 66.30 -7.69 4.55
C TYR A 816 67.49 -7.07 3.82
N ASP A 817 67.46 -5.73 3.63
CA ASP A 817 68.55 -5.03 2.91
C ASP A 817 69.85 -5.07 3.72
N GLN A 818 69.77 -5.32 5.04
CA GLN A 818 70.98 -5.41 5.89
C GLN A 818 71.85 -6.55 5.36
N ASP A 819 71.23 -7.70 5.04
CA ASP A 819 72.01 -8.79 4.40
C ASP A 819 71.37 -9.04 3.04
N THR A 820 72.06 -8.66 1.96
CA THR A 820 71.39 -8.72 0.64
C THR A 820 71.67 -10.05 -0.07
N LYS A 821 70.59 -10.79 -0.37
CA LYS A 821 70.72 -12.04 -1.19
C LYS A 821 71.73 -13.03 -0.62
N GLU A 822 72.61 -13.56 -1.48
CA GLU A 822 73.59 -14.59 -1.06
C GLU A 822 72.82 -15.81 -0.54
N LYS A 823 73.13 -16.27 0.67
CA LYS A 823 72.44 -17.46 1.23
C LYS A 823 70.95 -17.15 1.40
N LEU A 824 70.62 -15.91 1.78
CA LEU A 824 69.21 -15.52 2.01
C LEU A 824 68.41 -15.66 0.72
N ASN A 825 68.99 -15.26 -0.42
CA ASN A 825 68.28 -15.43 -1.71
C ASN A 825 68.03 -16.92 -1.98
N LYS A 826 69.03 -17.77 -1.74
CA LYS A 826 68.87 -19.22 -2.04
C LYS A 826 67.78 -19.82 -1.15
N VAL A 827 67.81 -19.51 0.15
CA VAL A 827 66.80 -20.08 1.08
C VAL A 827 65.42 -19.51 0.73
N ALA A 828 65.37 -18.24 0.31
CA ALA A 828 64.08 -17.62 -0.11
C ALA A 828 63.55 -18.34 -1.36
N GLU A 829 64.43 -18.66 -2.32
CA GLU A 829 63.99 -19.39 -3.53
C GLU A 829 63.46 -20.77 -3.13
N LYS A 830 64.17 -21.44 -2.21
CA LYS A 830 63.73 -22.79 -1.75
C LYS A 830 62.36 -22.65 -1.06
N TYR A 831 62.19 -21.62 -0.23
CA TYR A 831 60.91 -21.41 0.47
C TYR A 831 59.79 -21.13 -0.55
N GLU A 832 60.09 -20.35 -1.58
CA GLU A 832 59.08 -20.03 -2.63
C GLU A 832 58.69 -21.34 -3.33
N GLU A 833 59.68 -22.18 -3.65
CA GLU A 833 59.41 -23.48 -4.33
C GLU A 833 58.52 -24.33 -3.42
N GLU A 834 58.85 -24.38 -2.13
CA GLU A 834 58.03 -25.18 -1.18
C GLU A 834 56.61 -24.61 -1.14
N GLY A 835 56.47 -23.29 -1.09
CA GLY A 835 55.14 -22.67 -0.98
C GLY A 835 54.28 -22.95 -2.20
N ASN A 836 54.85 -22.78 -3.41
CA ASN A 836 54.08 -23.04 -4.65
C ASN A 836 53.78 -24.54 -4.79
N PHE A 837 54.70 -25.41 -4.35
CA PHE A 837 54.46 -26.88 -4.41
C PHE A 837 53.32 -27.25 -3.46
N ASN A 838 53.29 -26.63 -2.27
CA ASN A 838 52.23 -26.92 -1.27
C ASN A 838 50.86 -26.40 -1.72
N LEU A 839 50.84 -25.45 -2.67
CA LEU A 839 49.56 -24.86 -3.18
C LEU A 839 48.84 -24.16 -2.02
N SER A 840 49.59 -23.61 -1.06
CA SER A 840 48.97 -22.86 0.06
C SER A 840 49.89 -21.70 0.46
N PHE A 841 49.32 -20.63 1.02
CA PHE A 841 50.15 -19.50 1.49
C PHE A 841 49.89 -19.19 2.97
N VAL A 842 48.77 -19.66 3.53
CA VAL A 842 48.44 -19.29 4.94
C VAL A 842 48.39 -20.55 5.80
N GLN A 843 47.60 -21.55 5.40
CA GLN A 843 47.47 -22.79 6.19
C GLN A 843 48.82 -23.51 6.23
N ASP A 844 49.53 -23.54 5.10
CA ASP A 844 50.82 -24.26 5.04
C ASP A 844 51.83 -23.61 5.98
N VAL A 845 51.88 -22.27 5.98
CA VAL A 845 52.87 -21.56 6.84
C VAL A 845 52.53 -21.83 8.31
N LEU A 846 51.25 -21.74 8.67
CA LEU A 846 50.85 -21.98 10.08
C LEU A 846 51.17 -23.42 10.47
N ASP A 847 50.92 -24.38 9.57
CA ASP A 847 51.21 -25.80 9.87
C ASP A 847 52.71 -25.99 10.08
N LYS A 848 53.52 -25.39 9.21
CA LYS A 848 54.99 -25.49 9.35
C LYS A 848 55.44 -24.82 10.67
N LEU A 849 54.85 -23.67 11.00
CA LEU A 849 55.24 -22.95 12.25
C LEU A 849 54.87 -23.82 13.45
N GLU A 850 53.68 -24.40 13.44
CA GLU A 850 53.24 -25.25 14.58
C GLU A 850 54.17 -26.46 14.68
N SER A 851 54.49 -27.08 13.53
CA SER A 851 55.35 -28.29 13.55
C SER A 851 56.74 -27.95 14.09
N GLU A 852 57.31 -26.82 13.63
CA GLU A 852 58.68 -26.43 14.07
C GLU A 852 58.66 -26.05 15.56
N ILE A 853 57.61 -25.38 16.03
CA ILE A 853 57.52 -25.05 17.49
C ILE A 853 57.42 -26.35 18.28
N ALA A 854 56.62 -27.31 17.82
CA ALA A 854 56.48 -28.61 18.51
C ALA A 854 57.84 -29.32 18.52
N MET A 855 58.56 -29.28 17.41
CA MET A 855 59.90 -29.92 17.33
C MET A 855 60.85 -29.22 18.31
N VAL A 856 60.81 -27.88 18.36
CA VAL A 856 61.74 -27.11 19.24
C VAL A 856 61.35 -27.28 20.72
N ASN A 857 60.13 -27.72 21.00
CA ASN A 857 59.70 -27.89 22.41
C ASN A 857 60.61 -28.92 23.08
N HIS A 858 60.91 -30.03 22.40
CA HIS A 858 61.89 -31.00 22.95
C HIS A 858 63.28 -30.67 22.38
N ASP A 859 64.02 -29.80 23.07
CA ASP A 859 65.34 -29.37 22.54
C ASP A 859 66.29 -29.12 23.71
N GLU A 860 67.59 -29.02 23.43
CA GLU A 860 68.59 -28.72 24.49
C GLU A 860 68.54 -29.79 25.58
N SER A 861 68.62 -31.06 25.20
CA SER A 861 68.68 -32.15 26.21
C SER A 861 70.15 -32.49 26.49
N ALA A 862 70.64 -32.17 27.70
CA ALA A 862 72.06 -32.43 28.09
C ALA A 862 73.01 -31.78 27.09
N VAL A 863 72.70 -30.57 26.63
CA VAL A 863 73.55 -29.88 25.61
C VAL A 863 74.59 -28.99 26.30
N THR A 864 74.56 -28.92 27.62
CA THR A 864 75.49 -28.00 28.33
C THR A 864 76.93 -28.41 28.03
N ILE A 865 77.21 -29.71 28.05
CA ILE A 865 78.60 -30.20 27.82
C ILE A 865 78.62 -31.02 26.53
N LEU A 866 79.41 -30.57 25.54
CA LEU A 866 79.53 -31.35 24.28
C LEU A 866 81.00 -31.68 24.01
N ASP A 867 81.87 -30.69 24.16
CA ASP A 867 83.33 -30.88 23.91
C ASP A 867 84.01 -31.65 25.03
N GLN A 868 83.71 -31.37 26.30
CA GLN A 868 84.46 -32.02 27.42
C GLN A 868 84.22 -33.53 27.40
N VAL A 869 82.99 -33.95 27.16
CA VAL A 869 82.65 -35.40 27.15
C VAL A 869 83.39 -36.08 26.00
N THR A 870 83.41 -35.45 24.82
CA THR A 870 84.16 -36.04 23.68
C THR A 870 85.66 -36.07 24.01
N ALA A 871 86.18 -35.00 24.60
CA ALA A 871 87.63 -34.94 24.90
C ALA A 871 87.98 -36.02 25.92
N GLU A 872 87.19 -36.16 26.98
CA GLU A 872 87.46 -37.19 28.01
C GLU A 872 87.28 -38.59 27.40
N LEU A 873 86.28 -38.78 26.52
CA LEU A 873 86.10 -40.10 25.86
C LEU A 873 87.34 -40.40 25.01
N ARG A 874 87.82 -39.41 24.26
CA ARG A 874 89.03 -39.62 23.43
C ARG A 874 90.24 -39.91 24.33
N GLU A 875 90.36 -39.18 25.45
CA GLU A 875 91.50 -39.38 26.37
C GLU A 875 91.44 -40.79 26.96
N LEU A 876 90.25 -41.22 27.41
CA LEU A 876 90.10 -42.58 27.98
C LEU A 876 90.33 -43.63 26.89
N GLU A 877 89.87 -43.38 25.67
CA GLU A 877 90.08 -44.32 24.54
C GLU A 877 91.59 -44.44 24.28
N HIS A 878 92.33 -43.33 24.34
CA HIS A 878 93.80 -43.37 24.19
C HIS A 878 94.45 -44.06 25.41
N THR A 879 93.87 -43.86 26.60
CA THR A 879 94.40 -44.47 27.85
C THR A 879 94.17 -45.99 27.83
N VAL A 880 93.08 -46.45 27.23
CA VAL A 880 92.73 -47.91 27.30
C VAL A 880 93.87 -48.78 26.76
N PRO A 881 94.48 -48.56 25.57
CA PRO A 881 95.53 -49.44 25.08
C PRO A 881 96.74 -49.47 26.04
N GLN A 882 97.08 -48.34 26.66
CA GLN A 882 98.27 -48.31 27.55
C GLN A 882 98.03 -49.26 28.74
N ALA B 287 55.92 -49.09 37.14
CA ALA B 287 54.58 -48.63 36.72
C ALA B 287 54.20 -47.37 37.51
N LYS B 288 54.57 -47.29 38.80
CA LYS B 288 54.30 -46.07 39.61
C LYS B 288 55.15 -44.90 39.09
N LYS B 289 56.38 -45.16 38.67
CA LYS B 289 57.18 -44.07 38.05
C LYS B 289 56.49 -43.65 36.75
N LEU B 290 55.99 -44.63 35.99
CA LEU B 290 55.22 -44.30 34.75
C LEU B 290 53.96 -43.53 35.15
N LEU B 291 53.34 -43.90 36.27
CA LEU B 291 52.14 -43.16 36.75
C LEU B 291 52.54 -41.74 37.15
N ARG B 292 53.71 -41.54 37.78
CA ARG B 292 54.17 -40.17 38.09
C ARG B 292 54.38 -39.41 36.77
N GLU B 293 54.94 -40.08 35.76
CA GLU B 293 55.07 -39.44 34.43
C GLU B 293 53.67 -39.17 33.89
N LEU B 294 52.73 -40.09 34.12
CA LEU B 294 51.32 -39.88 33.69
C LEU B 294 50.76 -38.66 34.43
N ASN B 295 51.09 -38.50 35.72
CA ASN B 295 50.62 -37.30 36.48
C ASN B 295 51.22 -36.04 35.86
N GLN B 296 52.51 -36.08 35.52
CA GLN B 296 53.17 -34.90 34.90
C GLN B 296 52.48 -34.59 33.57
N THR B 297 52.21 -35.62 32.77
CA THR B 297 51.50 -35.43 31.48
C THR B 297 50.05 -35.00 31.76
N SER B 298 49.42 -35.59 32.78
CA SER B 298 47.99 -35.30 33.09
C SER B 298 47.85 -33.85 33.56
N ASP B 299 48.87 -33.25 34.14
CA ASP B 299 48.74 -31.81 34.49
C ASP B 299 48.48 -31.04 33.20
N LEU B 300 49.26 -31.30 32.16
CA LEU B 300 49.02 -30.65 30.85
C LEU B 300 47.69 -31.14 30.26
N ASN B 301 47.37 -32.43 30.47
CA ASN B 301 46.12 -32.98 29.90
C ASN B 301 44.92 -32.28 30.52
N GLU B 302 44.93 -32.09 31.84
CA GLU B 302 43.82 -31.38 32.53
C GLU B 302 43.85 -29.90 32.12
N ARG B 303 45.04 -29.36 31.88
CA ARG B 303 45.12 -27.96 31.39
C ARG B 303 44.44 -27.91 30.03
N LYS B 304 44.72 -28.89 29.17
CA LYS B 304 44.05 -28.94 27.84
C LYS B 304 42.55 -29.17 28.03
N MET B 305 42.16 -30.02 28.99
CA MET B 305 40.73 -30.27 29.26
C MET B 305 40.07 -28.96 29.68
N LEU B 306 40.75 -28.20 30.56
CA LEU B 306 40.20 -26.89 31.00
C LEU B 306 40.13 -25.94 29.81
N LEU B 307 41.15 -25.94 28.94
CA LEU B 307 41.15 -25.04 27.75
C LEU B 307 39.99 -25.43 26.83
N GLN B 308 39.78 -26.73 26.60
CA GLN B 308 38.65 -27.19 25.73
C GLN B 308 37.32 -26.87 26.39
N ALA B 309 37.22 -27.08 27.71
CA ALA B 309 35.97 -26.73 28.44
C ALA B 309 35.75 -25.21 28.37
N LYS B 310 36.84 -24.42 28.46
CA LYS B 310 36.72 -22.94 28.34
C LYS B 310 36.26 -22.59 26.92
N SER B 311 36.79 -23.28 25.91
CA SER B 311 36.35 -23.05 24.51
C SER B 311 34.86 -23.38 24.39
N LEU B 312 34.44 -24.52 24.96
CA LEU B 312 33.00 -24.91 24.90
C LEU B 312 32.17 -23.87 25.66
N TRP B 313 32.64 -23.41 26.82
CA TRP B 313 31.90 -22.39 27.61
C TRP B 313 31.81 -21.09 26.82
N ILE B 314 32.90 -20.68 26.16
CA ILE B 314 32.86 -19.44 25.33
C ILE B 314 31.93 -19.67 24.14
N ASP B 315 31.91 -20.86 23.56
CA ASP B 315 30.94 -21.16 22.47
C ASP B 315 29.53 -21.00 23.04
N VAL B 316 29.29 -21.55 24.24
CA VAL B 316 27.95 -21.43 24.89
C VAL B 316 27.66 -19.94 25.14
N ALA B 317 28.65 -19.18 25.61
CA ALA B 317 28.46 -17.73 25.86
C ALA B 317 28.15 -17.02 24.54
N HIS B 318 28.84 -17.38 23.45
CA HIS B 318 28.57 -16.76 22.14
C HIS B 318 27.13 -17.09 21.72
N ASN B 319 26.73 -18.34 21.91
CA ASN B 319 25.35 -18.75 21.56
C ASN B 319 24.36 -17.95 22.43
N THR B 320 24.66 -17.83 23.73
CA THR B 320 23.73 -17.13 24.65
C THR B 320 23.65 -15.64 24.31
N ASP B 321 24.78 -14.99 24.02
CA ASP B 321 24.75 -13.54 23.68
C ASP B 321 24.04 -13.36 22.34
N ALA B 322 24.26 -14.27 21.38
CA ALA B 322 23.54 -14.16 20.10
C ALA B 322 22.05 -14.40 20.34
N CYS B 323 21.70 -15.33 21.24
CA CYS B 323 20.28 -15.56 21.59
C CYS B 323 19.72 -14.28 22.25
N LYS B 324 20.50 -13.64 23.11
CA LYS B 324 20.06 -12.36 23.74
C LYS B 324 19.89 -11.29 22.66
N ASN B 325 20.81 -11.22 21.69
CA ASN B 325 20.67 -10.25 20.57
C ASN B 325 19.42 -10.57 19.76
N LEU B 326 19.17 -11.86 19.49
CA LEU B 326 17.94 -12.26 18.77
C LEU B 326 16.72 -11.88 19.61
N GLU B 327 16.80 -12.07 20.93
CA GLU B 327 15.67 -11.69 21.82
C GLU B 327 15.47 -10.18 21.77
N ASN B 328 16.55 -9.40 21.76
CA ASN B 328 16.42 -7.93 21.63
C ASN B 328 15.79 -7.59 20.27
N GLU B 329 16.24 -8.25 19.21
CA GLU B 329 15.70 -7.98 17.85
C GLU B 329 14.21 -8.36 17.80
N ILE B 330 13.86 -9.53 18.34
CA ILE B 330 12.43 -9.96 18.36
C ILE B 330 11.63 -9.01 19.27
N SER B 331 12.23 -8.53 20.37
CA SER B 331 11.55 -7.55 21.25
C SER B 331 11.30 -6.26 20.47
N GLY B 332 12.28 -5.79 19.69
CA GLY B 332 12.09 -4.59 18.87
C GLY B 332 11.03 -4.83 17.81
N ILE B 333 11.05 -6.02 17.18
CA ILE B 333 10.03 -6.36 16.15
C ILE B 333 8.66 -6.45 16.84
N GLN B 334 8.59 -7.03 18.04
CA GLN B 334 7.33 -7.13 18.81
C GLN B 334 6.85 -5.73 19.19
N GLN B 335 7.78 -4.83 19.55
CA GLN B 335 7.39 -3.43 19.87
C GLN B 335 6.83 -2.78 18.59
N LYS B 336 7.46 -3.02 17.44
CA LYS B 336 6.93 -2.49 16.16
C LYS B 336 5.55 -3.11 15.90
N VAL B 337 5.40 -4.40 16.17
CA VAL B 337 4.10 -5.09 15.97
C VAL B 337 3.07 -4.46 16.92
N ASP B 338 3.46 -4.16 18.15
CA ASP B 338 2.54 -3.50 19.12
C ASP B 338 2.18 -2.11 18.60
N GLU B 339 3.15 -1.39 18.03
CA GLU B 339 2.85 -0.05 17.44
C GLU B 339 1.86 -0.22 16.29
N VAL B 340 2.07 -1.23 15.44
CA VAL B 340 1.12 -1.49 14.33
C VAL B 340 -0.24 -1.88 14.93
N THR B 341 -0.23 -2.70 15.98
CA THR B 341 -1.51 -3.16 16.60
C THR B 341 -2.26 -1.98 17.20
N GLU B 342 -1.56 -1.09 17.91
CA GLU B 342 -2.23 0.12 18.49
C GLU B 342 -2.70 1.03 17.35
N LYS B 343 -1.92 1.12 16.27
CA LYS B 343 -2.36 1.93 15.10
C LYS B 343 -3.64 1.32 14.53
N ILE B 344 -3.67 -0.01 14.39
CA ILE B 344 -4.91 -0.68 13.91
C ILE B 344 -6.03 -0.44 14.92
N ARG B 345 -5.72 -0.52 16.22
CA ARG B 345 -6.77 -0.36 17.26
C ARG B 345 -7.39 1.04 17.19
N ASN B 346 -6.54 2.08 17.11
CA ASN B 346 -7.10 3.45 17.01
C ASN B 346 -7.82 3.61 15.67
N ARG B 347 -7.26 3.03 14.60
CA ARG B 347 -7.89 3.19 13.26
C ARG B 347 -9.26 2.54 13.29
N GLN B 348 -9.38 1.32 13.86
CA GLN B 348 -10.69 0.62 13.93
C GLN B 348 -11.63 1.36 14.87
N GLU B 349 -11.12 1.93 15.97
CA GLU B 349 -11.98 2.72 16.88
C GLU B 349 -12.49 3.94 16.11
N LYS B 350 -11.62 4.59 15.34
CA LYS B 350 -12.04 5.74 14.51
C LYS B 350 -13.05 5.27 13.47
N ILE B 351 -12.82 4.09 12.88
CA ILE B 351 -13.76 3.54 11.86
C ILE B 351 -15.12 3.29 12.52
N GLU B 352 -15.14 2.69 13.70
CA GLU B 352 -16.43 2.42 14.41
C GLU B 352 -17.12 3.75 14.73
N ARG B 353 -16.35 4.73 15.21
CA ARG B 353 -16.93 6.03 15.56
C ARG B 353 -17.47 6.67 14.28
N TYR B 354 -16.71 6.54 13.20
CA TYR B 354 -17.15 7.13 11.91
C TYR B 354 -18.41 6.40 11.42
N THR B 355 -18.47 5.08 11.58
CA THR B 355 -19.67 4.31 11.15
C THR B 355 -20.89 4.74 11.97
N SER B 356 -20.72 4.89 13.29
CA SER B 356 -21.84 5.32 14.15
C SER B 356 -22.29 6.72 13.72
N ASP B 357 -21.31 7.60 13.46
CA ASP B 357 -21.63 8.98 13.01
C ASP B 357 -22.33 8.90 11.66
N GLY B 358 -21.89 8.00 10.77
CA GLY B 358 -22.51 7.85 9.44
C GLY B 358 -23.96 7.40 9.55
N THR B 359 -24.23 6.44 10.45
CA THR B 359 -25.63 5.97 10.64
C THR B 359 -26.48 7.12 11.17
N THR B 360 -25.97 7.85 12.17
CA THR B 360 -26.72 8.99 12.76
C THR B 360 -26.90 10.07 11.69
N ILE B 361 -25.86 10.32 10.91
CA ILE B 361 -25.92 11.38 9.85
C ILE B 361 -26.92 10.95 8.77
N GLU B 362 -27.01 9.66 8.47
CA GLU B 362 -27.98 9.19 7.45
C GLU B 362 -29.39 9.45 7.97
N ALA B 363 -29.63 9.15 9.25
CA ALA B 363 -30.96 9.41 9.83
C ALA B 363 -31.23 10.92 9.81
N GLN B 364 -30.23 11.72 10.20
CA GLN B 364 -30.41 13.20 10.26
C GLN B 364 -30.57 13.77 8.84
N ILE B 365 -29.86 13.21 7.85
CA ILE B 365 -29.98 13.71 6.45
C ILE B 365 -31.35 13.33 5.89
N ASP B 366 -31.88 12.17 6.26
CA ASP B 366 -33.27 11.85 5.83
C ASP B 366 -34.19 12.86 6.47
N ALA B 367 -33.95 13.19 7.74
CA ALA B 367 -34.77 14.22 8.44
C ALA B 367 -34.59 15.55 7.73
N LYS B 368 -33.36 15.88 7.32
CA LYS B 368 -33.09 17.15 6.60
C LYS B 368 -33.76 17.13 5.23
N VAL B 369 -33.79 15.98 4.56
CA VAL B 369 -34.48 15.89 3.24
C VAL B 369 -35.97 16.18 3.46
N ILE B 370 -36.56 15.60 4.52
CA ILE B 370 -37.98 15.90 4.83
C ILE B 370 -38.09 17.39 5.16
N TYR B 371 -37.12 17.93 5.92
CA TYR B 371 -37.17 19.36 6.32
C TYR B 371 -37.11 20.25 5.09
N VAL B 372 -36.20 19.95 4.17
CA VAL B 372 -36.07 20.80 2.94
C VAL B 372 -37.31 20.61 2.06
N ASN B 373 -37.86 19.40 2.01
CA ASN B 373 -39.10 19.19 1.22
C ASN B 373 -40.24 20.01 1.80
N GLU B 374 -40.41 20.00 3.12
CA GLU B 374 -41.49 20.82 3.75
C GLU B 374 -41.17 22.31 3.58
N LYS B 375 -39.89 22.69 3.66
CA LYS B 375 -39.52 24.11 3.44
C LYS B 375 -39.82 24.49 2.00
N ASP B 376 -39.54 23.58 1.05
CA ASP B 376 -39.84 23.85 -0.37
C ASP B 376 -41.35 24.00 -0.54
N SER B 377 -42.12 23.14 0.12
CA SER B 377 -43.61 23.23 0.04
C SER B 377 -44.06 24.57 0.63
N GLU B 378 -43.47 24.97 1.75
CA GLU B 378 -43.83 26.29 2.37
C GLU B 378 -43.41 27.41 1.42
N HIS B 379 -42.25 27.27 0.77
CA HIS B 379 -41.78 28.29 -0.21
C HIS B 379 -42.75 28.37 -1.37
N GLN B 380 -43.22 27.22 -1.87
CA GLN B 380 -44.22 27.22 -2.97
C GLN B 380 -45.50 27.89 -2.48
N ASN B 381 -45.93 27.59 -1.26
CA ASN B 381 -47.16 28.23 -0.71
C ASN B 381 -46.95 29.74 -0.59
N ALA B 382 -45.78 30.15 -0.07
CA ALA B 382 -45.50 31.60 0.09
C ALA B 382 -45.44 32.25 -1.29
N ARG B 383 -44.80 31.59 -2.25
CA ARG B 383 -44.65 32.19 -3.60
C ARG B 383 -46.03 32.29 -4.27
N GLU B 384 -46.88 31.27 -4.11
CA GLU B 384 -48.24 31.33 -4.70
C GLU B 384 -49.07 32.41 -3.99
N LEU B 385 -48.94 32.54 -2.68
CA LEU B 385 -49.65 33.62 -1.95
C LEU B 385 -49.15 34.98 -2.44
N LEU B 386 -47.83 35.12 -2.58
CA LEU B 386 -47.27 36.39 -3.11
C LEU B 386 -47.78 36.59 -4.53
N ARG B 387 -47.80 35.51 -5.32
CA ARG B 387 -48.20 35.66 -6.73
C ARG B 387 -49.65 36.14 -6.79
N ASP B 388 -50.53 35.52 -6.01
CA ASP B 388 -51.97 35.89 -6.08
C ASP B 388 -52.13 37.32 -5.54
N VAL B 389 -51.46 37.67 -4.44
CA VAL B 389 -51.67 39.02 -3.86
C VAL B 389 -51.10 40.06 -4.83
N LYS B 390 -49.94 39.76 -5.45
CA LYS B 390 -49.34 40.69 -6.44
C LYS B 390 -50.23 40.78 -7.67
N SER B 391 -50.79 39.66 -8.12
CA SER B 391 -51.73 39.70 -9.27
C SER B 391 -52.95 40.52 -8.89
N ARG B 392 -53.46 40.35 -7.68
CA ARG B 392 -54.63 41.15 -7.22
C ARG B 392 -54.24 42.61 -7.18
N PHE B 393 -53.06 42.93 -6.64
CA PHE B 393 -52.58 44.34 -6.58
C PHE B 393 -52.44 44.89 -7.99
N GLU B 394 -51.85 44.10 -8.90
CA GLU B 394 -51.65 44.56 -10.30
C GLU B 394 -53.01 44.70 -11.00
N LYS B 395 -53.94 43.77 -10.76
CA LYS B 395 -55.30 43.91 -11.34
C LYS B 395 -55.97 45.15 -10.77
N GLU B 396 -55.83 45.39 -9.46
CA GLU B 396 -56.40 46.61 -8.85
C GLU B 396 -55.73 47.86 -9.45
N LYS B 397 -54.41 47.82 -9.63
CA LYS B 397 -53.67 48.96 -10.24
C LYS B 397 -54.11 49.14 -11.69
N SER B 398 -54.29 48.04 -12.42
CA SER B 398 -54.78 48.12 -13.82
C SER B 398 -56.19 48.69 -13.81
N ASN B 399 -57.04 48.27 -12.86
CA ASN B 399 -58.40 48.84 -12.75
C ASN B 399 -58.31 50.33 -12.40
N GLN B 400 -57.39 50.71 -11.51
CA GLN B 400 -57.19 52.14 -11.18
C GLN B 400 -56.77 52.89 -12.45
N ALA B 401 -55.80 52.37 -13.20
CA ALA B 401 -55.34 53.03 -14.44
C ALA B 401 -56.48 53.08 -15.45
N LEU B 791 -60.82 53.45 -4.30
CA LEU B 791 -59.99 52.32 -4.81
C LEU B 791 -58.51 52.65 -4.59
N GLY B 792 -58.12 53.91 -4.72
CA GLY B 792 -56.72 54.29 -4.45
C GLY B 792 -56.37 54.04 -3.00
N LEU B 793 -57.27 54.39 -2.08
CA LEU B 793 -57.02 54.08 -0.65
C LEU B 793 -56.96 52.56 -0.48
N LYS B 794 -57.86 51.83 -1.14
CA LYS B 794 -57.91 50.36 -1.01
C LYS B 794 -56.62 49.74 -1.53
N ILE B 795 -56.14 50.20 -2.69
CA ILE B 795 -54.89 49.61 -3.25
C ILE B 795 -53.73 49.98 -2.32
N GLU B 796 -53.75 51.19 -1.74
CA GLU B 796 -52.64 51.59 -0.86
C GLU B 796 -52.59 50.66 0.35
N GLN B 797 -53.75 50.40 0.97
CA GLN B 797 -53.78 49.51 2.16
C GLN B 797 -53.42 48.09 1.71
N ILE B 798 -53.88 47.67 0.53
CA ILE B 798 -53.60 46.28 0.05
C ILE B 798 -52.08 46.13 -0.13
N ALA B 799 -51.43 47.13 -0.72
CA ALA B 799 -49.96 47.08 -0.91
C ALA B 799 -49.26 47.06 0.45
N GLN B 800 -49.77 47.88 1.39
CA GLN B 800 -49.14 47.94 2.74
C GLN B 800 -49.25 46.57 3.41
N GLU B 801 -50.40 45.89 3.29
CA GLU B 801 -50.55 44.53 3.84
C GLU B 801 -49.73 43.51 3.04
N ALA B 802 -49.62 43.69 1.72
CA ALA B 802 -48.89 42.72 0.85
C ALA B 802 -47.38 42.75 1.09
N GLN B 803 -46.81 43.91 1.40
CA GLN B 803 -45.33 44.02 1.52
C GLN B 803 -44.78 43.04 2.57
N PRO B 804 -45.37 42.86 3.78
CA PRO B 804 -44.90 41.84 4.72
C PRO B 804 -44.94 40.43 4.12
N ILE B 805 -45.95 40.13 3.29
CA ILE B 805 -46.01 38.80 2.63
C ILE B 805 -44.79 38.64 1.72
N LYS B 806 -44.43 39.68 0.97
CA LYS B 806 -43.22 39.60 0.10
C LYS B 806 -41.98 39.40 0.97
N GLU B 807 -41.90 40.11 2.09
CA GLU B 807 -40.72 39.99 2.99
C GLU B 807 -40.65 38.55 3.53
N GLN B 808 -41.80 38.00 3.93
CA GLN B 808 -41.83 36.61 4.44
C GLN B 808 -41.42 35.65 3.33
N TYR B 809 -41.88 35.90 2.10
CA TYR B 809 -41.51 35.02 0.96
C TYR B 809 -39.99 35.06 0.76
N ASP B 810 -39.41 36.27 0.80
CA ASP B 810 -37.96 36.42 0.60
C ASP B 810 -37.21 35.68 1.71
N SER B 811 -37.67 35.84 2.96
CA SER B 811 -37.01 35.17 4.10
C SER B 811 -37.13 33.65 3.95
N THR B 812 -38.31 33.18 3.53
CA THR B 812 -38.51 31.72 3.34
C THR B 812 -37.60 31.21 2.22
N LYS B 813 -37.49 31.97 1.13
CA LYS B 813 -36.62 31.56 0.00
C LYS B 813 -35.17 31.50 0.48
N LEU B 814 -34.74 32.51 1.25
CA LEU B 814 -33.33 32.54 1.74
C LEU B 814 -33.10 31.34 2.67
N ALA B 815 -34.05 31.06 3.56
CA ALA B 815 -33.90 29.91 4.48
C ALA B 815 -33.86 28.62 3.65
N LEU B 816 -34.73 28.51 2.65
CA LEU B 816 -34.80 27.26 1.85
C LEU B 816 -33.49 27.07 1.09
N VAL B 817 -32.98 28.14 0.46
CA VAL B 817 -31.75 27.98 -0.36
C VAL B 817 -30.58 27.66 0.57
N GLU B 818 -30.52 28.30 1.75
CA GLU B 818 -29.43 28.02 2.72
C GLU B 818 -29.54 26.56 3.18
N ALA B 819 -30.76 26.11 3.48
CA ALA B 819 -30.96 24.71 3.92
C ALA B 819 -30.59 23.75 2.79
N GLN B 820 -30.97 24.07 1.55
CA GLN B 820 -30.65 23.19 0.40
C GLN B 820 -29.13 23.13 0.24
N ASP B 821 -28.45 24.27 0.34
CA ASP B 821 -26.98 24.29 0.17
C ASP B 821 -26.35 23.48 1.29
N GLU B 822 -26.84 23.67 2.53
CA GLU B 822 -26.26 22.94 3.68
C GLU B 822 -26.51 21.44 3.48
N LEU B 823 -27.70 21.08 3.02
CA LEU B 823 -28.01 19.64 2.82
C LEU B 823 -27.09 19.08 1.75
N GLN B 824 -26.91 19.81 0.64
CA GLN B 824 -26.09 19.27 -0.47
C GLN B 824 -24.65 19.11 0.01
N GLN B 825 -24.12 20.13 0.70
CA GLN B 825 -22.70 20.07 1.15
C GLN B 825 -22.57 18.94 2.18
N LEU B 826 -23.55 18.81 3.07
CA LEU B 826 -23.50 17.73 4.10
C LEU B 826 -23.56 16.38 3.40
N LYS B 827 -24.43 16.24 2.39
CA LYS B 827 -24.58 14.94 1.68
C LYS B 827 -23.26 14.60 0.99
N GLU B 828 -22.65 15.58 0.32
CA GLU B 828 -21.35 15.33 -0.35
C GLU B 828 -20.31 14.97 0.72
N ASP B 829 -20.28 15.71 1.83
CA ASP B 829 -19.27 15.47 2.87
C ASP B 829 -19.45 14.06 3.46
N ILE B 830 -20.70 13.67 3.72
CA ILE B 830 -20.96 12.34 4.34
C ILE B 830 -20.66 11.24 3.32
N ASN B 831 -20.94 11.46 2.04
CA ASN B 831 -20.58 10.44 1.02
C ASN B 831 -19.06 10.30 1.00
N SER B 832 -18.36 11.43 1.03
CA SER B 832 -16.88 11.37 1.04
C SER B 832 -16.42 10.69 2.32
N ARG B 833 -17.09 10.98 3.44
CA ARG B 833 -16.71 10.37 4.74
C ARG B 833 -16.95 8.86 4.71
N GLN B 834 -18.06 8.41 4.11
CA GLN B 834 -18.35 6.96 4.01
C GLN B 834 -17.29 6.30 3.13
N SER B 835 -16.92 6.97 2.04
CA SER B 835 -15.85 6.45 1.17
C SER B 835 -14.55 6.45 1.97
N LYS B 836 -14.34 7.48 2.81
CA LYS B 836 -13.15 7.54 3.68
C LYS B 836 -13.21 6.35 4.65
N ILE B 837 -14.39 6.03 5.17
CA ILE B 837 -14.52 4.86 6.09
C ILE B 837 -14.14 3.59 5.33
N GLN B 838 -14.63 3.42 4.10
CA GLN B 838 -14.36 2.17 3.35
C GLN B 838 -12.86 2.09 3.03
N LYS B 839 -12.24 3.21 2.65
CA LYS B 839 -10.78 3.20 2.36
C LYS B 839 -10.01 2.96 3.66
N TYR B 840 -10.48 3.51 4.78
CA TYR B 840 -9.82 3.24 6.08
C TYR B 840 -9.95 1.75 6.40
N LYS B 841 -11.10 1.14 6.09
CA LYS B 841 -11.26 -0.31 6.31
C LYS B 841 -10.28 -1.07 5.41
N ASP B 842 -10.11 -0.63 4.17
CA ASP B 842 -9.12 -1.27 3.27
C ASP B 842 -7.71 -1.10 3.84
N ASP B 843 -7.40 0.10 4.35
CA ASP B 843 -6.07 0.37 4.93
C ASP B 843 -5.86 -0.52 6.16
N THR B 844 -6.90 -0.66 7.00
CA THR B 844 -6.80 -1.53 8.19
C THR B 844 -6.62 -2.99 7.75
N ILE B 845 -7.29 -3.41 6.67
CA ILE B 845 -7.10 -4.79 6.14
C ILE B 845 -5.64 -4.94 5.70
N TYR B 846 -5.09 -3.93 5.01
CA TYR B 846 -3.68 -3.99 4.58
C TYR B 846 -2.78 -4.03 5.81
N TYR B 847 -3.09 -3.23 6.84
CA TYR B 847 -2.28 -3.21 8.09
C TYR B 847 -2.38 -4.58 8.77
N GLU B 848 -3.57 -5.19 8.77
CA GLU B 848 -3.75 -6.54 9.37
C GLU B 848 -2.92 -7.55 8.57
N ASP B 849 -2.90 -7.43 7.24
CA ASP B 849 -2.06 -8.34 6.41
C ASP B 849 -0.59 -8.13 6.77
N LYS B 850 -0.16 -6.87 6.91
CA LYS B 850 1.25 -6.58 7.29
C LYS B 850 1.50 -7.17 8.68
N LYS B 851 0.54 -7.03 9.60
CA LYS B 851 0.70 -7.58 10.97
C LYS B 851 0.78 -9.11 10.90
N LYS B 852 -0.01 -9.74 10.04
CA LYS B 852 0.06 -11.21 9.87
C LYS B 852 1.43 -11.60 9.32
N VAL B 853 1.95 -10.83 8.36
CA VAL B 853 3.32 -11.11 7.82
C VAL B 853 4.32 -10.94 8.96
N TYR B 854 4.17 -9.90 9.78
CA TYR B 854 5.08 -9.67 10.92
C TYR B 854 4.95 -10.83 11.91
N LEU B 855 3.73 -11.32 12.16
CA LEU B 855 3.53 -12.46 13.08
C LEU B 855 4.18 -13.71 12.50
N GLU B 856 4.09 -13.91 11.18
CA GLU B 856 4.77 -15.06 10.53
C GLU B 856 6.28 -14.92 10.74
N ASN B 857 6.80 -13.70 10.57
CA ASN B 857 8.25 -13.45 10.80
C ASN B 857 8.56 -13.75 12.26
N ILE B 858 7.70 -13.30 13.18
CA ILE B 858 7.93 -13.53 14.63
C ILE B 858 7.93 -15.04 14.92
N LYS B 859 7.01 -15.78 14.31
CA LYS B 859 6.96 -17.25 14.50
C LYS B 859 8.22 -17.89 13.95
N LYS B 860 8.70 -17.45 12.80
CA LYS B 860 9.96 -17.99 12.24
C LYS B 860 11.13 -17.65 13.17
N ILE B 861 11.15 -16.41 13.69
CA ILE B 861 12.22 -16.03 14.66
C ILE B 861 12.09 -16.91 15.91
N GLU B 862 10.87 -17.15 16.36
CA GLU B 862 10.65 -17.96 17.59
C GLU B 862 11.12 -19.41 17.36
N VAL B 863 10.81 -19.99 16.19
CA VAL B 863 11.27 -21.37 15.90
C VAL B 863 12.79 -21.38 15.79
N ASN B 864 13.40 -20.34 15.20
CA ASN B 864 14.88 -20.26 15.13
C ASN B 864 15.44 -20.14 16.54
N VAL B 865 14.80 -19.34 17.40
CA VAL B 865 15.25 -19.17 18.80
C VAL B 865 15.09 -20.52 19.54
N ALA B 866 14.00 -21.25 19.27
CA ALA B 866 13.79 -22.57 19.90
C ALA B 866 14.89 -23.53 19.45
N ALA B 867 15.24 -23.53 18.16
CA ALA B 867 16.32 -24.39 17.66
C ALA B 867 17.65 -23.98 18.31
N LEU B 868 17.90 -22.67 18.41
CA LEU B 868 19.15 -22.18 19.06
C LEU B 868 19.14 -22.60 20.52
N LYS B 869 17.99 -22.50 21.20
CA LYS B 869 17.88 -22.90 22.63
C LYS B 869 18.13 -24.40 22.77
N GLU B 870 17.62 -25.21 21.83
CA GLU B 870 17.89 -26.68 21.87
C GLU B 870 19.39 -26.90 21.70
N GLY B 871 20.02 -26.17 20.77
CA GLY B 871 21.48 -26.28 20.58
C GLY B 871 22.21 -25.87 21.84
N ILE B 872 21.76 -24.79 22.48
CA ILE B 872 22.39 -24.30 23.75
C ILE B 872 22.21 -25.38 24.83
N GLN B 873 21.04 -26.02 24.87
CA GLN B 873 20.79 -27.10 25.86
C GLN B 873 21.75 -28.26 25.60
N ARG B 874 21.95 -28.63 24.33
CA ARG B 874 22.91 -29.71 24.02
C ARG B 874 24.32 -29.29 24.45
N GLN B 875 24.69 -28.04 24.15
CA GLN B 875 26.06 -27.56 24.48
C GLN B 875 26.26 -27.55 26.00
N ILE B 876 25.26 -27.06 26.75
CA ILE B 876 25.39 -27.01 28.24
C ILE B 876 25.40 -28.44 28.81
N GLN B 877 24.63 -29.37 28.22
CA GLN B 877 24.66 -30.78 28.69
C GLN B 877 26.06 -31.36 28.44
N ASN B 878 26.65 -31.04 27.28
CA ASN B 878 28.03 -31.50 26.99
C ASN B 878 28.99 -30.85 28.00
N ALA B 879 28.82 -29.56 28.30
CA ALA B 879 29.69 -28.84 29.26
C ALA B 879 29.55 -29.46 30.65
N CYS B 880 28.33 -29.82 31.05
CA CYS B 880 28.14 -30.52 32.35
C CYS B 880 28.81 -31.89 32.29
N ALA B 881 28.70 -32.60 31.16
CA ALA B 881 29.38 -33.92 30.99
C ALA B 881 30.88 -33.70 31.07
N PHE B 882 31.40 -32.64 30.44
CA PHE B 882 32.87 -32.40 30.40
C PHE B 882 33.24 -31.40 31.51
N CYS B 883 33.70 -31.90 32.66
CA CYS B 883 33.96 -31.01 33.82
C CYS B 883 32.63 -30.33 34.19
N SER B 884 32.63 -29.01 34.33
CA SER B 884 31.35 -28.28 34.60
C SER B 884 31.39 -26.90 33.95
N LYS B 885 30.25 -26.46 33.40
CA LYS B 885 30.18 -25.09 32.81
C LYS B 885 30.36 -24.02 33.89
N GLU B 886 29.73 -24.22 35.06
CA GLU B 886 29.81 -23.22 36.17
C GLU B 886 31.22 -23.19 36.77
N ARG B 887 31.98 -24.28 36.64
CA ARG B 887 33.34 -24.35 37.25
C ARG B 887 34.40 -23.80 36.28
N ILE B 888 34.01 -23.38 35.08
CA ILE B 888 34.97 -22.87 34.06
C ILE B 888 35.02 -21.34 34.06
N GLU B 889 33.90 -20.69 34.39
CA GLU B 889 33.82 -19.20 34.28
C GLU B 889 34.84 -18.52 35.20
N ASN B 890 35.17 -19.15 36.33
CA ASN B 890 36.13 -18.56 37.29
C ASN B 890 37.50 -18.42 36.63
N VAL B 891 37.88 -19.40 35.79
CA VAL B 891 39.23 -19.37 35.14
C VAL B 891 39.31 -18.20 34.16
N ASP B 892 40.51 -17.67 33.95
CA ASP B 892 40.69 -16.50 33.04
C ASP B 892 41.33 -16.96 31.73
N LEU B 893 40.72 -16.63 30.60
CA LEU B 893 41.29 -16.96 29.27
C LEU B 893 40.83 -15.89 28.27
N PRO B 894 41.62 -15.52 27.24
CA PRO B 894 41.15 -14.57 26.23
C PRO B 894 39.86 -15.04 25.53
N ASP B 895 38.93 -14.11 25.30
CA ASP B 895 37.62 -14.45 24.69
C ASP B 895 37.78 -14.85 23.21
N THR B 896 38.78 -14.32 22.51
CA THR B 896 38.90 -14.59 21.05
C THR B 896 39.00 -16.09 20.76
N GLN B 897 38.20 -16.57 19.81
CA GLN B 897 38.18 -18.02 19.46
C GLN B 897 39.48 -18.43 18.77
N GLU B 898 40.05 -17.57 17.94
CA GLU B 898 41.28 -17.94 17.17
C GLU B 898 42.43 -18.21 18.15
N GLU B 899 42.57 -17.36 19.18
CA GLU B 899 43.65 -17.56 20.18
C GLU B 899 43.42 -18.90 20.91
N ILE B 900 42.17 -19.19 21.27
CA ILE B 900 41.85 -20.46 21.98
C ILE B 900 42.15 -21.64 21.06
N LYS B 901 41.81 -21.53 19.78
CA LYS B 901 42.08 -22.63 18.81
C LYS B 901 43.60 -22.83 18.70
N ARG B 902 44.36 -21.74 18.65
CA ARG B 902 45.84 -21.84 18.58
C ARG B 902 46.37 -22.50 19.85
N GLU B 903 45.83 -22.11 21.01
CA GLU B 903 46.26 -22.72 22.30
C GLU B 903 45.90 -24.21 22.31
N LEU B 904 44.73 -24.56 21.80
CA LEU B 904 44.31 -26.00 21.76
C LEU B 904 45.27 -26.76 20.86
N ASP B 905 45.63 -26.19 19.70
CA ASP B 905 46.59 -26.86 18.81
C ASP B 905 47.95 -27.00 19.51
N LYS B 906 48.38 -25.95 20.21
CA LYS B 906 49.69 -25.98 20.90
C LYS B 906 49.69 -27.06 21.97
N VAL B 907 48.65 -27.11 22.80
CA VAL B 907 48.57 -28.12 23.88
C VAL B 907 48.43 -29.52 23.27
N SER B 908 47.69 -29.65 22.17
CA SER B 908 47.56 -30.97 21.49
C SER B 908 48.94 -31.43 21.02
N ARG B 909 49.73 -30.52 20.44
CA ARG B 909 51.09 -30.88 19.98
C ARG B 909 51.94 -31.24 21.18
N MET B 910 51.79 -30.52 22.28
CA MET B 910 52.58 -30.81 23.50
C MET B 910 52.19 -32.19 24.03
N ILE B 911 50.89 -32.50 24.01
CA ILE B 911 50.41 -33.84 24.46
C ILE B 911 50.95 -34.91 23.51
N GLN B 912 50.96 -34.63 22.21
CA GLN B 912 51.49 -35.61 21.23
C GLN B 912 52.99 -35.85 21.50
N LYS B 913 53.74 -34.78 21.81
CA LYS B 913 55.18 -34.94 22.13
C LYS B 913 55.33 -35.79 23.40
N ALA B 914 54.50 -35.52 24.41
CA ALA B 914 54.57 -36.31 25.65
C ALA B 914 54.20 -37.77 25.34
N GLU B 915 53.19 -37.99 24.50
CA GLU B 915 52.74 -39.36 24.17
C GLU B 915 53.87 -40.09 23.44
N LYS B 916 54.51 -39.44 22.47
CA LYS B 916 55.59 -40.09 21.68
C LYS B 916 56.79 -40.37 22.60
N SER B 917 57.06 -39.49 23.55
CA SER B 917 58.16 -39.75 24.52
C SER B 917 57.80 -40.95 25.40
N LEU B 918 56.55 -41.01 25.89
CA LEU B 918 56.09 -42.17 26.71
C LEU B 918 55.92 -43.41 25.82
N GLY B 919 55.50 -43.22 24.56
CA GLY B 919 55.27 -44.34 23.62
C GLY B 919 53.87 -44.93 23.74
N LEU B 920 53.52 -45.47 24.90
CA LEU B 920 52.16 -46.06 25.10
C LEU B 920 51.13 -44.96 25.40
N SER B 921 49.87 -45.17 24.96
CA SER B 921 48.79 -44.20 25.22
C SER B 921 48.55 -44.06 26.73
N GLN B 922 48.29 -42.83 27.20
CA GLN B 922 48.14 -42.58 28.66
C GLN B 922 46.99 -43.42 29.24
N GLU B 923 45.89 -43.58 28.49
CA GLU B 923 44.74 -44.39 28.97
C GLU B 923 45.22 -45.83 29.16
N GLU B 924 45.98 -46.35 28.21
CA GLU B 924 46.51 -47.73 28.34
C GLU B 924 47.41 -47.82 29.57
N VAL B 925 48.29 -46.82 29.76
CA VAL B 925 49.25 -46.87 30.89
C VAL B 925 48.48 -46.80 32.22
N ILE B 926 47.47 -45.93 32.31
CA ILE B 926 46.71 -45.81 33.60
C ILE B 926 45.91 -47.10 33.83
N ALA B 927 45.36 -47.70 32.78
CA ALA B 927 44.66 -48.99 32.93
C ALA B 927 45.66 -50.06 33.37
N LEU B 928 46.86 -50.04 32.80
CA LEU B 928 47.92 -51.01 33.18
C LEU B 928 48.28 -50.77 34.66
N PHE B 929 48.37 -49.51 35.09
CA PHE B 929 48.68 -49.24 36.51
C PHE B 929 47.54 -49.77 37.39
N GLU B 930 46.30 -49.56 36.97
CA GLU B 930 45.15 -50.01 37.80
C GLU B 930 45.19 -51.54 37.92
N ASN C 1 10.91 4.69 -19.73
CA ASN C 1 11.77 4.98 -20.91
C ASN C 1 12.00 6.49 -21.02
N ASP C 2 13.23 6.90 -21.34
CA ASP C 2 13.53 8.35 -21.54
C ASP C 2 13.14 9.13 -20.29
N ASN C 3 12.22 10.10 -20.43
CA ASN C 3 11.72 10.86 -19.26
C ASN C 3 11.01 9.88 -18.33
N PRO C 4 11.36 9.82 -17.02
CA PRO C 4 10.74 8.84 -16.12
C PRO C 4 9.31 9.21 -15.75
N ILE C 5 8.40 9.10 -16.72
CA ILE C 5 6.95 9.33 -16.42
C ILE C 5 6.23 8.01 -16.70
N PRO C 6 5.88 7.21 -15.68
CA PRO C 6 5.14 5.97 -15.89
C PRO C 6 3.74 6.26 -16.42
N LYS C 7 3.23 5.35 -17.25
CA LYS C 7 1.87 5.53 -17.81
C LYS C 7 0.85 5.55 -16.66
N SER C 8 0.99 4.62 -15.70
CA SER C 8 0.01 4.53 -14.59
C SER C 8 0.69 4.04 -13.30
N VAL C 9 0.09 4.34 -12.15
CA VAL C 9 0.68 3.94 -10.84
C VAL C 9 -0.42 3.31 -9.99
N PRO C 10 -0.09 2.42 -9.03
CA PRO C 10 -1.10 1.85 -8.13
C PRO C 10 -1.72 2.94 -7.24
N LEU C 11 -3.00 2.75 -6.87
CA LEU C 11 -3.71 3.77 -6.06
C LEU C 11 -3.10 3.89 -4.66
N HIS C 12 -3.05 5.11 -4.13
CA HIS C 12 -2.50 5.37 -2.77
C HIS C 12 -3.65 5.82 -1.87
N PRO C 13 -3.55 5.72 -0.52
CA PRO C 13 -4.60 6.21 0.36
C PRO C 13 -4.88 7.71 0.15
N LYS C 14 -3.82 8.52 -0.01
CA LYS C 14 -4.03 9.96 -0.30
C LYS C 14 -4.76 10.08 -1.64
N SER C 15 -4.35 9.28 -2.63
CA SER C 15 -5.06 9.25 -3.93
C SER C 15 -6.47 8.70 -3.73
N GLY C 16 -6.62 7.76 -2.80
CA GLY C 16 -7.94 7.16 -2.50
C GLY C 16 -8.90 8.21 -1.97
N LYS C 17 -8.41 9.17 -1.18
CA LYS C 17 -9.30 10.27 -0.72
C LYS C 17 -9.88 11.02 -1.92
N TYR C 18 -9.03 11.39 -2.88
CA TYR C 18 -9.51 12.11 -4.09
C TYR C 18 -10.40 11.21 -4.94
N PHE C 19 -10.10 9.92 -5.01
CA PHE C 19 -10.94 8.97 -5.79
C PHE C 19 -12.33 8.93 -5.19
N HIS C 20 -12.40 8.88 -3.85
CA HIS C 20 -13.71 8.87 -3.15
C HIS C 20 -14.41 10.21 -3.33
N ASN C 21 -13.64 11.31 -3.30
CA ASN C 21 -14.23 12.66 -3.48
C ASN C 21 -14.81 12.80 -4.88
N LEU C 22 -14.15 12.22 -5.89
CA LEU C 22 -14.60 12.38 -7.29
C LEU C 22 -15.97 11.70 -7.45
N HIS C 23 -16.89 12.38 -8.11
CA HIS C 23 -18.23 11.78 -8.35
C HIS C 23 -18.82 12.43 -9.60
N ALA C 24 -19.81 11.79 -10.20
CA ALA C 24 -20.50 12.42 -11.35
C ALA C 24 -21.35 13.56 -10.82
N ARG C 25 -21.43 14.69 -11.54
CA ARG C 25 -22.34 15.76 -11.09
C ARG C 25 -23.76 15.19 -11.10
N ASP C 26 -24.53 15.41 -10.04
CA ASP C 26 -25.87 14.78 -9.98
C ASP C 26 -26.88 15.72 -10.61
N LEU C 27 -27.65 15.22 -11.57
CA LEU C 27 -28.66 16.07 -12.23
C LEU C 27 -30.06 15.59 -11.86
N SER C 28 -30.20 14.70 -10.87
CA SER C 28 -31.55 14.15 -10.56
C SER C 28 -32.49 15.30 -10.14
N ASN C 29 -32.00 16.22 -9.30
CA ASN C 29 -32.82 17.38 -8.88
C ASN C 29 -33.15 18.24 -10.11
N ILE C 30 -32.16 18.47 -10.98
CA ILE C 30 -32.40 19.31 -12.18
C ILE C 30 -33.43 18.62 -13.08
N TYR C 31 -33.31 17.31 -13.26
CA TYR C 31 -34.26 16.57 -14.12
C TYR C 31 -35.66 16.63 -13.51
N GLN C 32 -35.75 16.47 -12.18
CA GLN C 32 -37.07 16.54 -11.50
C GLN C 32 -37.66 17.94 -11.68
N GLN C 33 -36.84 18.98 -11.52
CA GLN C 33 -37.34 20.38 -11.69
C GLN C 33 -37.78 20.59 -13.14
N CYS C 34 -36.99 20.10 -14.10
CA CYS C 34 -37.34 20.26 -15.54
C CYS C 34 -38.64 19.49 -15.85
N TYR C 35 -38.78 18.29 -15.30
CA TYR C 35 -40.01 17.49 -15.52
C TYR C 35 -41.21 18.23 -14.90
N LYS C 36 -41.03 18.76 -13.69
CA LYS C 36 -42.14 19.50 -13.03
C LYS C 36 -42.49 20.72 -13.87
N GLN C 37 -41.48 21.43 -14.36
CA GLN C 37 -41.74 22.65 -15.14
C GLN C 37 -42.51 22.30 -16.42
N ILE C 38 -42.06 21.27 -17.13
CA ILE C 38 -42.72 20.92 -18.42
C ILE C 38 -44.15 20.43 -18.11
N ASP C 39 -44.33 19.66 -17.04
CA ASP C 39 -45.67 19.13 -16.70
C ASP C 39 -46.60 20.29 -16.38
N GLU C 40 -46.14 21.23 -15.56
CA GLU C 40 -46.99 22.39 -15.18
C GLU C 40 -47.24 23.24 -16.44
N THR C 41 -46.26 23.36 -17.33
CA THR C 41 -46.44 24.13 -18.58
C THR C 41 -47.54 23.46 -19.42
N ILE C 42 -47.52 22.12 -19.50
CA ILE C 42 -48.58 21.39 -20.24
C ILE C 42 -49.94 21.65 -19.57
N ASN C 43 -49.98 21.58 -18.24
CA ASN C 43 -51.24 21.80 -17.50
C ASN C 43 -51.75 23.22 -17.76
N GLN C 44 -50.84 24.20 -17.74
CA GLN C 44 -51.23 25.61 -18.01
C GLN C 44 -51.72 25.71 -19.45
N LEU C 45 -51.03 25.06 -20.40
CA LEU C 45 -51.41 25.14 -21.84
C LEU C 45 -52.80 24.53 -22.03
N VAL C 46 -53.17 23.55 -21.21
CA VAL C 46 -54.47 22.86 -21.43
C VAL C 46 -55.61 23.88 -21.41
N ASP C 47 -55.60 24.79 -20.45
CA ASP C 47 -56.68 25.81 -20.35
C ASP C 47 -56.21 27.20 -20.80
N SER C 48 -54.95 27.37 -21.17
CA SER C 48 -54.43 28.69 -21.63
C SER C 48 -55.09 29.09 -22.95
N THR C 49 -55.16 28.15 -23.90
CA THR C 49 -55.68 28.49 -25.26
C THR C 49 -57.16 28.86 -25.18
N SER C 50 -57.55 29.86 -25.97
CA SER C 50 -58.99 30.24 -26.03
C SER C 50 -59.78 29.05 -26.59
N PRO C 51 -60.96 28.73 -26.05
CA PRO C 51 -61.77 27.62 -26.56
C PRO C 51 -62.15 27.83 -28.03
N SER C 52 -62.41 29.09 -28.44
CA SER C 52 -62.70 29.38 -29.87
C SER C 52 -61.48 29.08 -30.74
N THR C 53 -60.28 29.37 -30.23
CA THR C 53 -59.05 29.17 -31.04
C THR C 53 -58.81 27.67 -31.28
N ILE C 54 -58.55 27.29 -32.53
CA ILE C 54 -58.28 25.87 -32.88
C ILE C 54 -56.94 25.83 -33.61
N GLY C 55 -56.26 24.68 -33.63
CA GLY C 55 -54.93 24.62 -34.26
C GLY C 55 -53.80 24.43 -33.25
N ILE C 56 -54.09 23.80 -32.11
CA ILE C 56 -53.05 23.57 -31.05
C ILE C 56 -52.25 22.30 -31.35
N GLU C 57 -52.53 21.61 -32.45
CA GLU C 57 -51.86 20.30 -32.74
C GLU C 57 -50.34 20.49 -32.87
N GLU C 58 -49.89 21.55 -33.54
CA GLU C 58 -48.43 21.77 -33.75
C GLU C 58 -47.76 22.02 -32.41
N GLN C 59 -48.39 22.82 -31.54
CA GLN C 59 -47.80 23.08 -30.20
C GLN C 59 -47.73 21.78 -29.41
N VAL C 60 -48.78 20.96 -29.47
CA VAL C 60 -48.80 19.67 -28.74
C VAL C 60 -47.68 18.78 -29.27
N ALA C 61 -47.52 18.74 -30.59
CA ALA C 61 -46.46 17.89 -31.20
C ALA C 61 -45.09 18.40 -30.75
N ASP C 62 -44.90 19.72 -30.72
CA ASP C 62 -43.59 20.30 -30.33
C ASP C 62 -43.29 19.92 -28.88
N ILE C 63 -44.29 20.06 -28.01
CA ILE C 63 -44.10 19.74 -26.57
C ILE C 63 -43.85 18.23 -26.42
N THR C 64 -44.55 17.41 -27.19
CA THR C 64 -44.33 15.94 -27.14
C THR C 64 -42.90 15.62 -27.56
N SER C 65 -42.41 16.27 -28.63
CA SER C 65 -41.03 16.06 -29.08
C SER C 65 -40.05 16.48 -27.98
N THR C 66 -40.31 17.62 -27.35
CA THR C 66 -39.43 18.13 -26.26
C THR C 66 -39.43 17.12 -25.11
N TYR C 67 -40.60 16.61 -24.75
CA TYR C 67 -40.70 15.64 -23.62
C TYR C 67 -39.94 14.36 -23.98
N LYS C 68 -40.08 13.89 -25.22
CA LYS C 68 -39.38 12.65 -25.65
C LYS C 68 -37.87 12.89 -25.59
N LEU C 69 -37.42 14.07 -26.03
CA LEU C 69 -35.98 14.40 -25.99
C LEU C 69 -35.52 14.44 -24.53
N LEU C 70 -36.32 15.05 -23.65
CA LEU C 70 -35.95 15.12 -22.21
C LEU C 70 -35.88 13.71 -21.63
N SER C 71 -36.82 12.84 -21.99
CA SER C 71 -36.81 11.44 -21.48
C SER C 71 -35.55 10.72 -21.98
N THR C 72 -35.19 10.94 -23.24
CA THR C 72 -33.97 10.30 -23.81
C THR C 72 -32.76 10.82 -23.04
N TYR C 73 -32.74 12.12 -22.76
CA TYR C 73 -31.60 12.71 -22.02
C TYR C 73 -31.53 12.12 -20.61
N GLU C 74 -32.69 11.95 -19.96
CA GLU C 74 -32.72 11.38 -18.60
C GLU C 74 -32.22 9.93 -18.63
N SER C 75 -32.64 9.16 -19.64
CA SER C 75 -32.18 7.76 -19.75
C SER C 75 -30.67 7.74 -19.96
N GLU C 76 -30.16 8.65 -20.80
CA GLU C 76 -28.71 8.72 -21.06
C GLU C 76 -27.97 9.12 -19.78
N SER C 77 -28.54 10.05 -19.00
CA SER C 77 -27.91 10.45 -17.71
C SER C 77 -27.89 9.27 -16.74
N ASN C 78 -28.96 8.49 -16.70
CA ASN C 78 -28.99 7.29 -15.82
C ASN C 78 -27.90 6.33 -16.28
N SER C 79 -27.79 6.14 -17.59
CA SER C 79 -26.72 5.25 -18.13
C SER C 79 -25.36 5.83 -17.74
N PHE C 80 -25.21 7.15 -17.83
CA PHE C 80 -23.90 7.78 -17.51
C PHE C 80 -23.55 7.50 -16.05
N ASP C 81 -24.50 7.73 -15.12
CA ASP C 81 -24.15 7.57 -13.69
C ASP C 81 -23.84 6.11 -13.37
N GLU C 82 -24.63 5.19 -13.93
CA GLU C 82 -24.40 3.74 -13.63
C GLU C 82 -23.06 3.33 -14.23
N HIS C 83 -22.75 3.83 -15.44
CA HIS C 83 -21.45 3.52 -16.07
C HIS C 83 -20.32 4.07 -15.21
N ILE C 84 -20.50 5.28 -14.67
CA ILE C 84 -19.44 5.91 -13.82
C ILE C 84 -19.25 5.04 -12.58
N LYS C 85 -20.34 4.60 -11.96
CA LYS C 85 -20.22 3.77 -10.73
C LYS C 85 -19.50 2.46 -11.07
N ASP C 86 -19.87 1.84 -12.19
CA ASP C 86 -19.25 0.54 -12.58
C ASP C 86 -17.77 0.77 -12.88
N LEU C 87 -17.44 1.86 -13.56
CA LEU C 87 -16.02 2.16 -13.91
C LEU C 87 -15.22 2.38 -12.64
N LYS C 88 -15.79 3.11 -11.68
CA LYS C 88 -15.08 3.38 -10.40
C LYS C 88 -14.87 2.05 -9.68
N LYS C 89 -15.90 1.20 -9.66
CA LYS C 89 -15.78 -0.10 -8.94
C LYS C 89 -14.69 -0.94 -9.63
N ASN C 90 -14.70 -0.98 -10.95
CA ASN C 90 -13.70 -1.78 -11.69
C ASN C 90 -12.31 -1.21 -11.42
N PHE C 91 -12.18 0.11 -11.46
CA PHE C 91 -10.85 0.74 -11.27
C PHE C 91 -10.33 0.44 -9.86
N LYS C 92 -11.19 0.57 -8.85
CA LYS C 92 -10.74 0.34 -7.45
C LYS C 92 -10.35 -1.13 -7.30
N GLN C 93 -11.13 -2.05 -7.89
CA GLN C 93 -10.81 -3.49 -7.78
C GLN C 93 -9.46 -3.76 -8.46
N SER C 94 -9.27 -3.17 -9.64
CA SER C 94 -8.00 -3.39 -10.40
C SER C 94 -6.83 -2.80 -9.61
N SER C 95 -7.01 -1.62 -9.02
CA SER C 95 -5.93 -0.97 -8.22
C SER C 95 -5.59 -1.84 -7.00
N ASP C 96 -6.63 -2.39 -6.34
CA ASP C 96 -6.40 -3.26 -5.17
C ASP C 96 -5.65 -4.53 -5.61
N ALA C 97 -6.01 -5.08 -6.77
CA ALA C 97 -5.36 -6.31 -7.27
C ALA C 97 -3.88 -6.03 -7.56
N CYS C 98 -3.57 -4.86 -8.15
CA CYS C 98 -2.17 -4.55 -8.53
C CYS C 98 -1.30 -4.35 -7.29
N PRO C 99 -0.01 -4.74 -7.34
CA PRO C 99 0.92 -4.56 -6.21
C PRO C 99 1.32 -3.09 -5.99
N GLN C 100 2.06 -2.82 -4.91
CA GLN C 100 2.48 -1.43 -4.59
C GLN C 100 3.96 -1.23 -4.94
N ILE C 101 4.29 -0.08 -5.53
CA ILE C 101 5.70 0.23 -5.90
C ILE C 101 6.45 0.70 -4.64
N ASP C 102 7.60 0.09 -4.37
CA ASP C 102 8.38 0.51 -3.18
C ASP C 102 9.79 0.95 -3.59
N LEU C 103 10.58 0.04 -4.17
CA LEU C 103 12.00 0.37 -4.52
C LEU C 103 12.20 0.31 -6.03
N SER C 104 11.92 -0.83 -6.66
CA SER C 104 12.20 -0.99 -8.11
C SER C 104 10.93 -1.22 -8.94
N THR C 105 9.79 -1.45 -8.28
CA THR C 105 8.54 -1.73 -9.03
C THR C 105 8.18 -0.47 -9.83
N TRP C 106 8.44 0.70 -9.26
CA TRP C 106 8.18 1.97 -9.98
C TRP C 106 9.04 2.03 -11.24
N ASP C 107 10.30 1.61 -11.14
CA ASP C 107 11.20 1.58 -12.33
C ASP C 107 10.63 0.63 -13.38
N LYS C 108 10.13 -0.54 -12.96
CA LYS C 108 9.55 -1.51 -13.91
C LYS C 108 8.31 -0.89 -14.59
N TYR C 109 7.48 -0.19 -13.82
CA TYR C 109 6.30 0.48 -14.42
C TYR C 109 6.76 1.56 -15.41
N ARG C 110 7.81 2.31 -15.05
CA ARG C 110 8.33 3.40 -15.93
C ARG C 110 8.86 2.79 -17.24
N THR C 111 9.54 1.64 -17.16
CA THR C 111 10.09 0.98 -18.37
C THR C 111 8.95 0.46 -19.26
N GLY C 112 7.75 0.29 -18.70
CA GLY C 112 6.58 -0.16 -19.49
C GLY C 112 6.40 -1.67 -19.47
N GLU C 113 7.31 -2.40 -18.82
CA GLU C 113 7.13 -3.87 -18.68
C GLU C 113 5.95 -4.17 -17.74
N LEU C 114 5.64 -3.25 -16.82
CA LEU C 114 4.51 -3.44 -15.87
C LEU C 114 3.42 -2.41 -16.17
N THR C 115 2.15 -2.85 -16.16
CA THR C 115 1.04 -1.94 -16.51
C THR C 115 0.07 -1.84 -15.33
N ALA C 116 -0.51 -0.66 -15.12
CA ALA C 116 -1.50 -0.46 -14.05
C ALA C 116 -2.76 0.14 -14.67
N PRO C 117 -3.96 -0.06 -14.08
CA PRO C 117 -5.18 0.50 -14.64
C PRO C 117 -5.14 2.03 -14.67
N LYS C 118 -5.66 2.63 -15.74
CA LYS C 118 -5.73 4.12 -15.83
C LYS C 118 -7.19 4.51 -16.07
N LEU C 119 -7.70 5.48 -15.31
CA LEU C 119 -9.14 5.86 -15.44
C LEU C 119 -9.41 6.43 -16.84
N SER C 120 -8.47 7.18 -17.40
CA SER C 120 -8.72 7.84 -18.71
C SER C 120 -8.93 6.77 -19.79
N GLU C 121 -8.07 5.75 -19.83
CA GLU C 121 -8.19 4.68 -20.86
C GLU C 121 -9.47 3.89 -20.64
N LEU C 122 -9.78 3.59 -19.38
CA LEU C 122 -11.02 2.81 -19.06
C LEU C 122 -12.24 3.63 -19.47
N TYR C 123 -12.23 4.94 -19.21
CA TYR C 123 -13.36 5.82 -19.58
C TYR C 123 -13.50 5.88 -21.11
N LEU C 124 -12.37 5.97 -21.82
CA LEU C 124 -12.42 5.99 -23.31
C LEU C 124 -12.95 4.65 -23.81
N ASN C 125 -12.54 3.56 -23.18
CA ASN C 125 -12.98 2.20 -23.60
C ASN C 125 -14.40 1.91 -23.09
N MET C 126 -14.93 2.74 -22.18
CA MET C 126 -16.26 2.46 -21.60
C MET C 126 -17.30 2.47 -22.72
N PRO C 127 -18.21 1.48 -22.80
CA PRO C 127 -19.20 1.40 -23.86
C PRO C 127 -20.10 2.64 -23.86
N THR C 128 -20.49 3.08 -25.06
CA THR C 128 -21.39 4.26 -25.19
C THR C 128 -22.72 3.94 -24.51
N PRO C 129 -23.37 4.92 -23.84
CA PRO C 129 -24.67 4.67 -23.22
C PRO C 129 -25.73 4.26 -24.25
N GLU C 130 -26.59 3.31 -23.87
CA GLU C 130 -27.65 2.83 -24.79
C GLU C 130 -29.01 3.11 -24.13
N PRO C 131 -29.99 3.71 -24.84
CA PRO C 131 -31.32 3.92 -24.28
C PRO C 131 -32.08 2.58 -24.35
N ALA C 132 -31.63 1.58 -23.58
CA ALA C 132 -32.26 0.24 -23.62
C ALA C 132 -33.04 0.01 -22.32
N THR C 133 -34.10 -0.81 -22.39
CA THR C 133 -34.94 -1.11 -21.19
C THR C 133 -35.54 0.18 -20.65
N MET C 134 -35.75 1.18 -21.52
CA MET C 134 -36.39 2.44 -21.08
C MET C 134 -37.63 2.67 -21.96
N VAL C 135 -38.79 2.82 -21.31
CA VAL C 135 -40.04 3.07 -22.08
C VAL C 135 -40.42 4.53 -21.84
N ASN C 136 -40.52 5.31 -22.91
CA ASN C 136 -40.89 6.75 -22.78
C ASN C 136 -42.41 6.81 -22.73
N ASN C 137 -43.00 6.27 -21.66
CA ASN C 137 -44.47 6.34 -21.50
C ASN C 137 -44.75 6.86 -20.10
N THR C 138 -45.41 8.02 -20.01
CA THR C 138 -45.76 8.60 -18.69
C THR C 138 -47.21 9.07 -18.74
N ASP C 139 -47.81 9.30 -17.58
CA ASP C 139 -49.20 9.83 -17.54
C ASP C 139 -49.24 11.19 -18.24
N THR C 140 -48.22 12.01 -18.01
CA THR C 140 -48.17 13.36 -18.64
C THR C 140 -48.07 13.22 -20.16
N LEU C 141 -47.27 12.28 -20.65
CA LEU C 141 -47.17 12.06 -22.12
C LEU C 141 -48.53 11.60 -22.64
N LYS C 142 -49.19 10.69 -21.92
CA LYS C 142 -50.48 10.15 -22.41
C LYS C 142 -51.51 11.28 -22.47
N ILE C 143 -51.58 12.11 -21.43
CA ILE C 143 -52.59 13.21 -21.40
C ILE C 143 -52.23 14.23 -22.49
N LEU C 144 -50.95 14.48 -22.70
CA LEU C 144 -50.53 15.45 -23.75
C LEU C 144 -50.95 14.91 -25.13
N LYS C 145 -50.74 13.62 -25.37
CA LYS C 145 -51.12 13.02 -26.67
C LYS C 145 -52.63 13.02 -26.84
N VAL C 146 -53.39 12.77 -25.76
CA VAL C 146 -54.87 12.63 -25.90
C VAL C 146 -55.59 13.98 -25.79
N LEU C 147 -54.91 15.05 -25.34
CA LEU C 147 -55.63 16.34 -25.14
C LEU C 147 -56.17 16.92 -26.45
N PRO C 148 -55.51 16.82 -27.63
CA PRO C 148 -56.09 17.36 -28.86
C PRO C 148 -57.45 16.71 -29.18
N TYR C 149 -57.56 15.40 -29.03
CA TYR C 149 -58.85 14.70 -29.27
C TYR C 149 -59.91 15.20 -28.27
N ILE C 150 -59.52 15.36 -27.00
CA ILE C 150 -60.47 15.87 -25.97
C ILE C 150 -60.91 17.28 -26.36
N TRP C 151 -59.96 18.09 -26.86
CA TRP C 151 -60.29 19.47 -27.29
C TRP C 151 -61.29 19.41 -28.45
N ASN C 152 -61.08 18.49 -29.40
CA ASN C 152 -62.00 18.35 -30.55
C ASN C 152 -63.39 17.93 -30.06
N ASP C 153 -63.44 16.96 -29.14
CA ASP C 153 -64.73 16.47 -28.59
C ASP C 153 -64.48 15.85 -27.22
N PRO C 154 -65.40 15.99 -26.24
CA PRO C 154 -65.15 15.47 -24.89
C PRO C 154 -65.01 13.95 -24.90
N THR C 155 -65.77 13.24 -25.74
CA THR C 155 -65.73 11.75 -25.72
C THR C 155 -64.90 11.22 -26.89
N CYS C 156 -63.85 10.45 -26.59
CA CYS C 156 -62.98 9.87 -27.64
C CYS C 156 -62.45 8.52 -27.13
N VAL C 157 -62.03 7.62 -28.03
CA VAL C 157 -61.39 6.36 -27.55
C VAL C 157 -60.02 6.27 -28.22
N ILE C 158 -59.05 7.00 -27.67
CA ILE C 158 -57.66 6.99 -28.22
C ILE C 158 -56.93 5.65 -27.99
N PRO C 159 -56.93 4.98 -26.81
CA PRO C 159 -56.11 3.78 -26.60
C PRO C 159 -56.43 2.69 -27.63
N ASP C 160 -55.37 2.07 -28.16
CA ASP C 160 -55.54 0.99 -29.17
C ASP C 160 -54.82 -0.27 -28.69
N LEU C 161 -54.78 -0.50 -27.37
CA LEU C 161 -54.03 -1.67 -26.85
C LEU C 161 -54.68 -2.96 -27.36
N GLN C 162 -56.01 -3.04 -27.33
CA GLN C 162 -56.73 -4.27 -27.74
C GLN C 162 -56.47 -4.55 -29.23
N ASN C 163 -56.58 -3.53 -30.07
CA ASN C 163 -56.30 -3.68 -31.53
C ASN C 163 -55.63 -2.40 -32.03
N PRO C 164 -54.58 -2.45 -32.87
CA PRO C 164 -53.92 -1.23 -33.31
C PRO C 164 -54.86 -0.29 -34.10
N ALA C 165 -55.72 -0.84 -34.95
CA ALA C 165 -56.60 0.01 -35.78
C ALA C 165 -57.60 0.78 -34.92
N ASP C 166 -58.28 0.11 -33.98
CA ASP C 166 -59.34 0.75 -33.16
C ASP C 166 -59.65 -0.15 -31.95
N GLU C 167 -60.66 0.20 -31.15
CA GLU C 167 -61.05 -0.65 -30.00
C GLU C 167 -61.45 -2.04 -30.51
N ASP C 168 -62.25 -2.11 -31.57
CA ASP C 168 -62.58 -3.43 -32.17
C ASP C 168 -62.58 -3.29 -33.70
N ASP C 169 -61.58 -3.85 -34.39
CA ASP C 169 -61.53 -3.80 -35.88
C ASP C 169 -61.61 -2.33 -36.34
N LEU C 170 -62.63 -1.99 -37.14
CA LEU C 170 -62.80 -0.58 -37.62
C LEU C 170 -63.89 0.16 -36.82
N GLN C 171 -64.73 -0.56 -36.06
CA GLN C 171 -65.86 0.12 -35.37
C GLN C 171 -65.60 0.14 -33.87
N ILE C 172 -65.52 1.34 -33.29
CA ILE C 172 -65.22 1.45 -31.83
C ILE C 172 -66.39 0.87 -31.02
N GLU C 173 -67.63 1.26 -31.36
CA GLU C 173 -68.82 0.81 -30.58
C GLU C 173 -68.62 1.16 -29.10
N GLY C 174 -68.00 2.30 -28.80
CA GLY C 174 -67.70 2.64 -27.40
C GLY C 174 -68.70 3.59 -26.76
N GLY C 175 -69.68 4.08 -27.54
CA GLY C 175 -70.66 5.06 -27.03
C GLY C 175 -70.00 6.37 -26.61
N LYS C 176 -70.42 6.92 -25.46
CA LYS C 176 -69.86 8.22 -25.00
C LYS C 176 -69.58 8.14 -23.50
N ILE C 177 -68.61 8.94 -23.03
CA ILE C 177 -68.30 8.96 -21.58
C ILE C 177 -68.95 10.22 -21.00
N GLU C 178 -69.83 10.04 -20.02
CA GLU C 178 -70.58 11.21 -19.51
C GLU C 178 -69.89 11.77 -18.26
N LEU C 179 -69.69 13.08 -18.23
CA LEU C 179 -69.08 13.73 -17.03
C LEU C 179 -70.03 13.51 -15.85
N THR C 180 -71.34 13.64 -16.09
CA THR C 180 -72.34 13.50 -15.00
C THR C 180 -72.59 12.02 -14.75
N CYS C 181 -72.27 11.54 -13.54
CA CYS C 181 -72.51 10.12 -13.20
C CYS C 181 -74.02 9.88 -13.06
N PRO C 182 -74.56 8.75 -13.56
CA PRO C 182 -75.97 8.43 -13.33
C PRO C 182 -76.27 8.31 -11.82
N ILE C 183 -75.34 7.70 -11.06
CA ILE C 183 -75.51 7.55 -9.59
C ILE C 183 -75.52 8.91 -8.91
N THR C 184 -74.55 9.78 -9.25
CA THR C 184 -74.49 11.13 -8.65
C THR C 184 -74.54 12.18 -9.75
N CYS C 185 -75.59 12.99 -9.76
CA CYS C 185 -75.76 13.96 -10.87
C CYS C 185 -74.91 15.20 -10.56
N LYS C 186 -73.59 15.04 -10.65
CA LYS C 186 -72.66 16.18 -10.42
C LYS C 186 -71.35 15.88 -11.15
N PRO C 187 -70.54 16.90 -11.53
CA PRO C 187 -69.25 16.67 -12.15
C PRO C 187 -68.29 15.95 -11.18
N TYR C 188 -67.34 15.20 -11.73
CA TYR C 188 -66.45 14.42 -10.84
C TYR C 188 -65.46 15.37 -10.18
N GLU C 189 -65.70 15.72 -8.92
CA GLU C 189 -64.76 16.60 -8.17
C GLU C 189 -63.49 15.81 -7.84
N ALA C 190 -63.62 14.50 -7.61
CA ALA C 190 -62.45 13.66 -7.27
C ALA C 190 -62.42 12.46 -8.21
N PRO C 191 -61.94 12.63 -9.46
CA PRO C 191 -61.92 11.51 -10.41
C PRO C 191 -60.84 10.51 -10.02
N LEU C 192 -61.26 9.30 -9.66
CA LEU C 192 -60.29 8.25 -9.24
C LEU C 192 -60.51 7.02 -10.11
N ILE C 193 -59.40 6.42 -10.57
CA ILE C 193 -59.49 5.23 -11.47
C ILE C 193 -58.67 4.10 -10.86
N SER C 194 -59.12 2.85 -11.02
CA SER C 194 -58.35 1.69 -10.52
C SER C 194 -57.42 1.17 -11.62
N ARG C 195 -56.25 0.68 -11.23
CA ARG C 195 -55.31 0.10 -12.23
C ARG C 195 -55.92 -1.13 -12.87
N LYS C 196 -56.63 -1.96 -12.11
CA LYS C 196 -57.30 -3.16 -12.67
C LYS C 196 -58.62 -2.81 -13.39
N CYS C 197 -59.49 -2.01 -12.76
CA CYS C 197 -60.81 -1.70 -13.36
C CYS C 197 -60.64 -0.79 -14.58
N ASN C 198 -59.71 0.16 -14.51
CA ASN C 198 -59.47 1.12 -15.62
C ASN C 198 -60.74 1.97 -15.85
N HIS C 199 -61.52 2.21 -14.78
CA HIS C 199 -62.77 3.02 -14.90
C HIS C 199 -62.73 4.18 -13.90
N VAL C 200 -63.22 5.36 -14.31
CA VAL C 200 -63.17 6.57 -13.43
C VAL C 200 -64.45 6.67 -12.60
N PHE C 201 -64.29 6.89 -11.29
CA PHE C 201 -65.48 6.99 -10.40
C PHE C 201 -65.38 8.27 -9.56
N ASP C 202 -66.52 8.86 -9.21
CA ASP C 202 -66.56 10.10 -8.38
C ASP C 202 -66.06 9.80 -6.96
N ARG C 203 -66.30 8.60 -6.43
CA ARG C 203 -65.83 8.17 -5.08
C ARG C 203 -66.74 8.75 -3.98
N ASP C 204 -67.70 9.60 -4.33
CA ASP C 204 -68.63 10.08 -3.29
C ASP C 204 -69.54 8.93 -2.84
N GLY C 205 -70.06 8.15 -3.79
CA GLY C 205 -70.94 7.02 -3.45
C GLY C 205 -70.18 5.72 -3.46
N ILE C 206 -69.00 5.72 -4.10
CA ILE C 206 -68.14 4.51 -4.14
C ILE C 206 -67.63 4.20 -2.72
N GLN C 207 -67.27 5.23 -1.94
CA GLN C 207 -66.79 5.03 -0.55
C GLN C 207 -67.91 4.40 0.27
N ASN C 208 -69.15 4.88 0.09
CA ASN C 208 -70.31 4.33 0.84
C ASN C 208 -70.54 2.86 0.44
N TYR C 209 -70.44 2.55 -0.85
CA TYR C 209 -70.62 1.16 -1.32
C TYR C 209 -69.52 0.27 -0.73
N LEU C 210 -68.28 0.77 -0.73
CA LEU C 210 -67.14 -0.01 -0.21
C LEU C 210 -67.22 -0.09 1.32
N GLN C 211 -68.02 0.76 1.95
CA GLN C 211 -68.05 0.74 3.44
C GLN C 211 -68.76 -0.54 3.88
N GLY C 212 -68.14 -1.31 4.76
CA GLY C 212 -68.78 -2.54 5.28
C GLY C 212 -68.43 -3.78 4.47
N TYR C 213 -67.87 -3.61 3.26
CA TYR C 213 -67.43 -4.76 2.44
C TYR C 213 -65.94 -4.59 2.12
N THR C 214 -65.14 -5.63 2.35
CA THR C 214 -63.68 -5.51 2.13
C THR C 214 -63.45 -5.26 0.63
N THR C 215 -64.15 -6.03 -0.21
CA THR C 215 -64.00 -5.89 -1.67
C THR C 215 -65.39 -5.90 -2.31
N ARG C 216 -65.60 -5.06 -3.33
CA ARG C 216 -66.91 -4.99 -4.02
C ARG C 216 -66.68 -5.08 -5.52
N ASP C 217 -67.59 -5.74 -6.24
CA ASP C 217 -67.49 -5.85 -7.72
C ASP C 217 -67.63 -4.47 -8.36
N CYS C 218 -66.91 -4.24 -9.45
CA CYS C 218 -67.00 -2.95 -10.15
C CYS C 218 -68.42 -2.77 -10.70
N PRO C 219 -69.10 -1.65 -10.39
CA PRO C 219 -70.46 -1.41 -10.88
C PRO C 219 -70.52 -1.39 -12.41
N GLN C 220 -69.48 -0.84 -13.05
CA GLN C 220 -69.48 -0.72 -14.55
C GLN C 220 -69.33 -2.09 -15.22
N ALA C 221 -69.85 -2.22 -16.44
CA ALA C 221 -69.81 -3.50 -17.18
C ALA C 221 -68.48 -3.69 -17.90
N ALA C 222 -68.32 -4.80 -18.64
CA ALA C 222 -67.11 -5.08 -19.46
C ALA C 222 -65.92 -5.46 -18.57
N CYS C 223 -66.16 -5.64 -17.28
CA CYS C 223 -65.08 -6.09 -16.38
C CYS C 223 -65.68 -6.89 -15.21
N SER C 224 -64.93 -7.86 -14.67
CA SER C 224 -65.40 -8.61 -13.47
C SER C 224 -64.24 -8.72 -12.48
N GLN C 225 -64.15 -7.77 -11.55
CA GLN C 225 -63.06 -7.81 -10.54
C GLN C 225 -63.50 -7.05 -9.29
N VAL C 226 -62.83 -7.31 -8.17
CA VAL C 226 -63.16 -6.63 -6.89
C VAL C 226 -61.95 -5.80 -6.47
N VAL C 227 -62.16 -4.54 -6.14
CA VAL C 227 -61.02 -3.64 -5.77
C VAL C 227 -61.32 -2.94 -4.45
N SER C 228 -60.26 -2.53 -3.74
CA SER C 228 -60.42 -1.80 -2.45
C SER C 228 -60.33 -0.29 -2.67
N MET C 229 -60.45 0.49 -1.59
CA MET C 229 -60.34 1.98 -1.67
C MET C 229 -58.92 2.40 -2.07
N ARG C 230 -57.90 1.70 -1.57
CA ARG C 230 -56.47 2.09 -1.83
C ARG C 230 -56.08 1.92 -3.30
N ASP C 231 -56.78 1.05 -4.05
CA ASP C 231 -56.43 0.79 -5.47
C ASP C 231 -56.65 2.02 -6.34
N PHE C 232 -57.61 2.87 -6.00
CA PHE C 232 -57.93 4.04 -6.86
C PHE C 232 -56.83 5.10 -6.81
N VAL C 233 -56.54 5.70 -7.98
CA VAL C 233 -55.51 6.79 -8.05
C VAL C 233 -56.12 7.95 -8.86
N ARG C 234 -55.57 9.15 -8.69
CA ARG C 234 -56.14 10.34 -9.37
C ARG C 234 -56.04 10.19 -10.89
N ASP C 235 -57.11 10.54 -11.60
CA ASP C 235 -57.09 10.52 -13.09
C ASP C 235 -57.23 11.95 -13.61
N PRO C 236 -56.15 12.57 -14.14
CA PRO C 236 -56.23 13.91 -14.71
C PRO C 236 -57.11 13.96 -15.98
N ILE C 237 -57.23 12.85 -16.71
CA ILE C 237 -57.98 12.88 -17.99
C ILE C 237 -59.42 13.29 -17.73
N MET C 238 -60.05 12.72 -16.71
CA MET C 238 -61.48 13.02 -16.46
C MET C 238 -61.66 14.51 -16.13
N GLU C 239 -60.79 15.05 -15.26
CA GLU C 239 -60.91 16.48 -14.86
C GLU C 239 -60.64 17.39 -16.07
N LEU C 240 -59.68 17.03 -16.93
CA LEU C 240 -59.39 17.83 -18.14
C LEU C 240 -60.63 17.82 -19.04
N ARG C 241 -61.27 16.66 -19.21
CA ARG C 241 -62.47 16.57 -20.05
C ARG C 241 -63.58 17.44 -19.46
N CYS C 242 -63.76 17.39 -18.14
CA CYS C 242 -64.82 18.19 -17.49
C CYS C 242 -64.52 19.68 -17.68
N LYS C 243 -63.26 20.08 -17.49
CA LYS C 243 -62.88 21.52 -17.61
C LYS C 243 -63.11 22.01 -19.04
N ILE C 244 -62.68 21.23 -20.03
CA ILE C 244 -62.84 21.66 -21.45
C ILE C 244 -64.34 21.72 -21.79
N ALA C 245 -65.13 20.78 -21.30
CA ALA C 245 -66.59 20.79 -21.56
C ALA C 245 -67.21 22.06 -20.97
N LYS C 246 -66.81 22.41 -19.74
CA LYS C 246 -67.34 23.63 -19.08
C LYS C 246 -66.93 24.86 -19.89
N MET C 247 -65.67 24.91 -20.32
CA MET C 247 -65.18 26.10 -21.06
C MET C 247 -65.95 26.22 -22.38
N LYS C 248 -66.16 25.10 -23.07
CA LYS C 248 -66.85 25.15 -24.39
C LYS C 248 -68.30 25.59 -24.20
N GLU C 249 -68.99 25.05 -23.18
CA GLU C 249 -70.42 25.41 -22.98
C GLU C 249 -70.50 26.90 -22.60
N SER C 250 -69.57 27.37 -21.76
CA SER C 250 -69.61 28.79 -21.35
C SER C 250 -69.36 29.68 -22.56
N GLN C 251 -68.36 29.33 -23.38
CA GLN C 251 -68.02 30.20 -24.55
C GLN C 251 -69.19 30.21 -25.54
N PRO D 1 64.81 -7.24 -4.01
CA PRO D 1 65.08 -7.43 -5.45
C PRO D 1 63.98 -8.27 -6.11
N ILE D 2 64.35 -9.36 -6.78
CA ILE D 2 63.37 -10.26 -7.43
C ILE D 2 62.48 -10.90 -6.34
N LEU D 3 63.06 -11.25 -5.21
CA LEU D 3 62.28 -11.92 -4.15
C LEU D 3 61.18 -10.96 -3.66
N LYS D 4 61.52 -9.70 -3.43
CA LYS D 4 60.54 -8.73 -2.89
C LYS D 4 59.40 -8.54 -3.89
N ARG D 5 59.72 -8.39 -5.18
CA ARG D 5 58.67 -8.14 -6.20
C ARG D 5 57.79 -9.39 -6.38
N THR D 6 58.40 -10.58 -6.33
CA THR D 6 57.60 -11.84 -6.45
C THR D 6 56.69 -12.00 -5.22
N ILE D 7 57.22 -11.73 -4.02
CA ILE D 7 56.42 -11.87 -2.77
C ILE D 7 55.29 -10.82 -2.78
N ILE D 8 55.62 -9.59 -3.17
CA ILE D 8 54.59 -8.50 -3.16
C ILE D 8 53.56 -8.80 -4.26
N SER D 9 52.33 -8.36 -4.03
CA SER D 9 51.27 -8.58 -5.04
C SER D 9 50.96 -7.26 -5.73
N LYS D 10 51.02 -7.23 -7.06
CA LYS D 10 50.67 -6.00 -7.81
C LYS D 10 49.18 -5.72 -7.60
N ARG D 11 48.83 -4.47 -7.36
CA ARG D 11 47.40 -4.09 -7.20
C ARG D 11 46.71 -4.29 -8.55
N LYS D 12 47.46 -4.17 -9.65
CA LYS D 12 46.89 -4.31 -11.02
C LYS D 12 46.78 -5.79 -11.43
N ALA D 13 47.54 -6.69 -10.80
CA ALA D 13 47.52 -8.11 -11.23
C ALA D 13 46.07 -8.62 -11.26
N PRO D 14 45.25 -8.48 -10.20
CA PRO D 14 43.82 -8.85 -10.26
C PRO D 14 42.96 -7.62 -10.59
N SER D 15 41.65 -7.82 -10.82
CA SER D 15 40.74 -6.67 -11.05
C SER D 15 40.30 -6.12 -9.69
N ASN D 16 41.25 -5.85 -8.79
CA ASN D 16 40.91 -5.41 -7.41
C ASN D 16 39.97 -6.44 -6.79
N ASN D 17 40.19 -7.74 -7.07
CA ASN D 17 39.32 -8.83 -6.54
C ASN D 17 37.84 -8.41 -6.65
N GLU D 18 37.38 -8.01 -7.84
CA GLU D 18 35.98 -7.52 -8.01
C GLU D 18 34.99 -8.61 -7.61
N ASP D 19 33.87 -8.21 -6.99
CA ASP D 19 32.86 -9.19 -6.52
C ASP D 19 31.92 -9.59 -7.67
N GLU D 20 31.08 -10.61 -7.45
CA GLU D 20 30.09 -11.04 -8.47
C GLU D 20 28.86 -10.12 -8.36
N GLU D 21 28.25 -9.75 -9.50
CA GLU D 21 27.03 -8.88 -9.53
C GLU D 21 27.42 -7.41 -9.34
N ILE D 22 26.78 -6.50 -10.07
CA ILE D 22 27.10 -5.05 -9.99
C ILE D 22 26.80 -4.56 -8.56
N VAL D 23 25.63 -4.93 -8.02
CA VAL D 23 25.27 -4.53 -6.63
C VAL D 23 25.30 -5.78 -5.74
N LYS D 24 25.16 -5.61 -4.43
CA LYS D 24 25.15 -6.76 -3.49
C LYS D 24 23.87 -7.59 -3.74
N THR D 25 23.99 -8.91 -3.63
CA THR D 25 22.82 -9.82 -3.86
C THR D 25 21.77 -9.61 -2.76
N PRO D 26 20.46 -9.62 -3.08
CA PRO D 26 19.40 -9.43 -2.08
C PRO D 26 19.27 -10.60 -1.08
N ARG D 27 18.69 -10.33 0.08
CA ARG D 27 18.55 -11.38 1.14
C ARG D 27 17.12 -11.38 1.70
N LYS D 28 16.75 -12.42 2.45
CA LYS D 28 15.40 -12.48 3.07
C LYS D 28 15.29 -11.43 4.18
N LEU D 29 14.06 -10.99 4.50
CA LEU D 29 13.88 -9.90 5.50
C LEU D 29 14.32 -10.35 6.90
N VAL D 30 14.14 -11.62 7.28
CA VAL D 30 14.67 -12.10 8.59
C VAL D 30 15.94 -12.91 8.34
N ASN D 31 15.80 -14.11 7.77
CA ASN D 31 16.97 -14.94 7.38
C ASN D 31 17.98 -15.04 8.54
N TYR D 32 17.52 -15.34 9.76
CA TYR D 32 18.49 -15.35 10.90
C TYR D 32 19.44 -16.55 10.79
N VAL D 33 18.92 -17.77 10.70
CA VAL D 33 19.75 -19.01 10.59
C VAL D 33 20.91 -18.95 11.60
N PRO D 34 20.67 -19.00 12.93
CA PRO D 34 21.75 -18.84 13.91
C PRO D 34 22.88 -19.88 13.77
N LEU D 35 22.55 -21.17 13.73
CA LEU D 35 23.58 -22.24 13.56
C LEU D 35 24.70 -22.05 14.59
N LYS D 36 25.94 -21.85 14.13
CA LYS D 36 27.11 -21.55 15.03
C LYS D 36 27.19 -22.54 16.20
N ILE D 37 26.92 -23.82 15.92
CA ILE D 37 27.02 -24.86 16.98
C ILE D 37 28.48 -24.91 17.44
N PHE D 38 29.43 -24.88 16.49
CA PHE D 38 30.86 -24.92 16.84
C PHE D 38 31.53 -23.63 16.39
N ASN D 39 32.30 -23.00 17.27
CA ASN D 39 33.09 -21.82 16.84
C ASN D 39 34.57 -22.19 16.97
N LEU D 40 35.21 -22.53 15.85
CA LEU D 40 36.65 -22.95 15.85
C LEU D 40 36.80 -24.16 16.80
N GLY D 41 37.89 -24.23 17.57
CA GLY D 41 38.04 -25.35 18.53
C GLY D 41 38.00 -26.70 17.85
N ASP D 42 37.04 -27.56 18.23
CA ASP D 42 36.88 -28.90 17.59
C ASP D 42 38.17 -29.70 17.76
N SER D 43 38.74 -30.23 16.66
CA SER D 43 40.02 -30.96 16.72
C SER D 43 39.89 -32.15 17.69
N PHE D 44 40.67 -32.15 18.76
CA PHE D 44 40.66 -33.28 19.73
C PHE D 44 39.27 -33.39 20.38
N ASP D 45 38.74 -34.62 20.50
CA ASP D 45 37.38 -34.81 21.06
C ASP D 45 37.35 -34.51 22.56
N ASP D 46 36.25 -33.94 23.04
CA ASP D 46 36.11 -33.62 24.48
C ASP D 46 35.75 -34.85 25.33
N THR D 47 34.96 -35.80 24.80
CA THR D 47 34.51 -36.95 25.63
C THR D 47 35.70 -37.78 26.11
N ILE D 48 36.64 -38.06 25.20
CA ILE D 48 37.80 -38.92 25.55
C ILE D 48 38.64 -38.23 26.63
N THR D 49 38.91 -36.94 26.45
CA THR D 49 39.76 -36.21 27.43
C THR D 49 39.00 -36.07 28.76
N THR D 50 37.67 -35.94 28.71
CA THR D 50 36.87 -35.84 29.95
C THR D 50 36.97 -37.16 30.71
N THR D 51 36.90 -38.27 29.99
CA THR D 51 37.08 -39.59 30.66
C THR D 51 38.51 -39.66 31.20
N VAL D 52 39.48 -39.13 30.45
CA VAL D 52 40.90 -39.12 30.91
C VAL D 52 41.01 -38.26 32.18
N ALA D 53 40.32 -37.12 32.25
CA ALA D 53 40.34 -36.26 33.45
C ALA D 53 39.72 -37.02 34.63
N LYS D 54 38.63 -37.76 34.39
CA LYS D 54 38.00 -38.55 35.46
C LYS D 54 39.00 -39.60 35.96
N LEU D 55 39.66 -40.28 35.03
CA LEU D 55 40.69 -41.28 35.43
C LEU D 55 41.83 -40.56 36.15
N GLN D 56 42.16 -39.33 35.72
CA GLN D 56 43.28 -38.58 36.34
C GLN D 56 42.96 -38.29 37.82
N ASP D 57 41.74 -37.83 38.10
CA ASP D 57 41.39 -37.53 39.51
C ASP D 57 41.34 -38.84 40.31
N LEU D 58 40.85 -39.92 39.71
CA LEU D 58 40.82 -41.24 40.40
C LEU D 58 42.26 -41.67 40.67
N LYS D 59 43.15 -41.47 39.71
CA LYS D 59 44.59 -41.83 39.88
C LYS D 59 45.19 -40.98 41.00
N LYS D 60 44.80 -39.70 41.08
CA LYS D 60 45.36 -38.80 42.13
C LYS D 60 44.98 -39.37 43.50
N GLU D 61 43.74 -39.82 43.68
CA GLU D 61 43.33 -40.45 44.95
C GLU D 61 44.06 -41.79 45.10
N ILE D 62 44.26 -42.50 43.98
CA ILE D 62 45.00 -43.80 44.00
C ILE D 62 46.46 -43.56 44.41
N LEU D 63 47.07 -42.46 43.94
CA LEU D 63 48.46 -42.12 44.32
C LEU D 63 48.50 -41.88 45.83
N ASP D 64 47.45 -41.29 46.39
CA ASP D 64 47.37 -41.09 47.86
C ASP D 64 47.47 -42.46 48.55
#